data_4U5A
#
_entry.id   4U5A
#
_cell.length_a   55.179
_cell.length_b   64.316
_cell.length_c   233.748
_cell.angle_alpha   90.000
_cell.angle_beta   90.000
_cell.angle_gamma   90.000
#
_symmetry.space_group_name_H-M   'P 21 21 21'
#
_entity_poly.entity_id   1
_entity_poly.type   'polypeptide(L)'
_entity_poly.pdbx_seq_one_letter_code
;SNIDHSKNNIIEEFDKLSDDFSNDINATKQTIKDLFLDIEASFEDTSDDVVKLLSKYSFVPEEKLNIIDGILRSFIENNK
THVINSSNAYIYIQKEKIKNVCNFILKKLNSLIQINELNKSHIILKYGKGEAKKGVLESIKNNDDISKNLKSELLKYENV
NNQNIRVSELINFITPIYDDFIKNLTDLINDLQIKLKNISK
;
_entity_poly.pdbx_strand_id   A,B,C,D
#
# COMPACT_ATOMS: atom_id res chain seq x y z
N ASN A 8 -33.10 -11.56 -38.26
CA ASN A 8 -32.70 -10.31 -38.87
C ASN A 8 -33.06 -9.11 -37.99
N ASN A 9 -34.29 -9.12 -37.46
CA ASN A 9 -34.71 -8.13 -36.47
C ASN A 9 -34.13 -8.47 -35.10
N ILE A 10 -33.46 -9.62 -35.03
CA ILE A 10 -32.78 -10.05 -33.83
C ILE A 10 -31.69 -9.04 -33.48
N ILE A 11 -30.95 -8.61 -34.50
CA ILE A 11 -29.92 -7.60 -34.35
C ILE A 11 -30.54 -6.30 -33.84
N GLU A 12 -31.76 -6.01 -34.28
CA GLU A 12 -32.47 -4.82 -33.81
C GLU A 12 -32.85 -4.95 -32.35
N GLU A 13 -33.15 -6.19 -31.93
CA GLU A 13 -33.54 -6.46 -30.54
C GLU A 13 -32.34 -6.34 -29.60
N PHE A 14 -31.19 -6.79 -30.06
CA PHE A 14 -29.94 -6.64 -29.32
C PHE A 14 -29.58 -5.15 -29.23
N ASP A 15 -29.75 -4.46 -30.35
CA ASP A 15 -29.59 -3.01 -30.39
C ASP A 15 -30.49 -2.35 -29.33
N LYS A 16 -31.69 -2.90 -29.16
CA LYS A 16 -32.61 -2.40 -28.14
C LYS A 16 -32.07 -2.66 -26.74
N LEU A 17 -31.45 -3.82 -26.54
CA LEU A 17 -30.79 -4.09 -25.25
C LEU A 17 -29.76 -2.99 -24.95
N SER A 18 -28.91 -2.71 -25.93
CA SER A 18 -27.88 -1.69 -25.76
C SER A 18 -28.47 -0.32 -25.45
N ASP A 19 -29.47 0.08 -26.23
CA ASP A 19 -30.08 1.39 -26.09
C ASP A 19 -30.80 1.58 -24.75
N ASP A 20 -31.56 0.56 -24.34
CA ASP A 20 -32.25 0.59 -23.05
C ASP A 20 -31.25 0.70 -21.91
N PHE A 21 -30.20 -0.12 -21.97
CA PHE A 21 -29.18 -0.08 -20.94
C PHE A 21 -28.56 1.32 -20.85
N SER A 22 -28.28 1.91 -22.02
CA SER A 22 -27.72 3.25 -22.07
C SER A 22 -28.65 4.28 -21.41
N ASN A 23 -29.95 4.18 -21.71
CA ASN A 23 -30.93 5.07 -21.10
C ASN A 23 -30.95 4.96 -19.58
N ASP A 24 -31.03 3.73 -19.08
CA ASP A 24 -31.03 3.48 -17.64
C ASP A 24 -29.77 4.03 -16.97
N ILE A 25 -28.62 3.79 -17.60
CA ILE A 25 -27.35 4.28 -17.09
C ILE A 25 -27.31 5.81 -17.05
N ASN A 26 -27.81 6.47 -18.09
CA ASN A 26 -27.84 7.93 -18.12
C ASN A 26 -28.76 8.47 -17.01
N ALA A 27 -29.86 7.76 -16.76
CA ALA A 27 -30.75 8.13 -15.67
C ALA A 27 -30.04 8.05 -14.32
N THR A 28 -29.33 6.94 -14.10
CA THR A 28 -28.51 6.78 -12.89
C THR A 28 -27.50 7.91 -12.76
N LYS A 29 -26.85 8.25 -13.87
CA LYS A 29 -25.86 9.31 -13.91
C LYS A 29 -26.49 10.61 -13.45
N GLN A 30 -27.68 10.91 -13.96
CA GLN A 30 -28.38 12.13 -13.57
C GLN A 30 -28.73 12.11 -12.09
N THR A 31 -29.14 10.95 -11.57
CA THR A 31 -29.45 10.83 -10.15
C THR A 31 -28.24 11.17 -9.28
N ILE A 32 -27.10 10.57 -9.59
CA ILE A 32 -25.87 10.80 -8.81
C ILE A 32 -25.41 12.26 -8.95
N LYS A 33 -25.53 12.81 -10.15
CA LYS A 33 -25.22 14.21 -10.36
C LYS A 33 -26.10 15.07 -9.45
N ASP A 34 -27.38 14.69 -9.34
CA ASP A 34 -28.30 15.38 -8.43
C ASP A 34 -27.84 15.27 -6.98
N LEU A 35 -27.26 14.12 -6.62
CA LEU A 35 -26.68 13.97 -5.29
C LEU A 35 -25.64 15.07 -5.08
N PHE A 36 -24.66 15.12 -5.98
CA PHE A 36 -23.59 16.10 -5.87
C PHE A 36 -24.08 17.55 -5.90
N LEU A 37 -25.07 17.86 -6.75
CA LEU A 37 -25.61 19.20 -6.84
C LEU A 37 -26.32 19.60 -5.55
N ASP A 38 -27.08 18.66 -4.99
CA ASP A 38 -27.79 18.91 -3.74
C ASP A 38 -26.80 19.12 -2.60
N ILE A 39 -25.65 18.45 -2.67
CA ILE A 39 -24.61 18.68 -1.68
C ILE A 39 -23.95 20.05 -1.87
N GLU A 40 -23.81 20.48 -3.11
CA GLU A 40 -23.20 21.78 -3.38
C GLU A 40 -24.14 22.95 -3.08
N ALA A 41 -24.89 22.84 -2.00
CA ALA A 41 -25.73 23.94 -1.51
C ALA A 41 -25.77 23.98 0.03
N SER A 42 -24.71 24.47 0.68
CA SER A 42 -23.50 24.93 0.02
C SER A 42 -22.35 23.97 0.27
N ASP A 48 -18.13 28.32 -1.82
CA ASP A 48 -17.62 28.65 -3.15
C ASP A 48 -16.31 27.93 -3.43
N ASP A 49 -15.60 27.57 -2.36
CA ASP A 49 -14.29 26.93 -2.46
C ASP A 49 -14.42 25.41 -2.40
N VAL A 50 -15.32 24.94 -1.52
CA VAL A 50 -15.61 23.52 -1.38
C VAL A 50 -16.44 23.02 -2.58
N VAL A 51 -17.24 23.94 -3.14
CA VAL A 51 -18.10 23.64 -4.29
C VAL A 51 -17.30 23.14 -5.48
N LYS A 52 -16.20 23.83 -5.80
CA LYS A 52 -15.38 23.44 -6.94
C LYS A 52 -14.78 22.06 -6.70
N LEU A 53 -14.45 21.80 -5.44
CA LEU A 53 -13.88 20.53 -5.03
C LEU A 53 -14.86 19.39 -5.28
N LEU A 54 -16.11 19.60 -4.86
CA LEU A 54 -17.14 18.59 -5.02
C LEU A 54 -17.49 18.37 -6.50
N SER A 55 -17.49 19.47 -7.26
CA SER A 55 -17.75 19.38 -8.70
C SER A 55 -16.66 18.61 -9.39
N LYS A 56 -15.43 18.73 -8.89
CA LYS A 56 -14.33 17.90 -9.36
C LYS A 56 -14.63 16.44 -9.02
N TYR A 57 -14.99 16.19 -7.77
CA TYR A 57 -15.30 14.83 -7.30
C TYR A 57 -16.39 14.15 -8.13
N SER A 58 -17.32 14.92 -8.65
CA SER A 58 -18.49 14.38 -9.35
C SER A 58 -18.19 13.82 -10.73
N PHE A 59 -16.97 14.05 -11.23
CA PHE A 59 -16.63 13.65 -12.59
C PHE A 59 -16.25 12.18 -12.69
N VAL A 60 -15.69 11.64 -11.62
CA VAL A 60 -15.24 10.25 -11.62
C VAL A 60 -16.40 9.24 -11.66
N PRO A 61 -17.46 9.44 -10.84
CA PRO A 61 -18.57 8.47 -10.93
C PRO A 61 -19.21 8.43 -12.31
N GLU A 62 -19.25 9.58 -13.01
CA GLU A 62 -19.81 9.62 -14.36
C GLU A 62 -18.96 8.81 -15.31
N GLU A 63 -17.64 8.87 -15.12
CA GLU A 63 -16.73 8.11 -15.94
C GLU A 63 -16.92 6.61 -15.76
N LYS A 64 -17.14 6.19 -14.52
CA LYS A 64 -17.34 4.77 -14.21
C LYS A 64 -18.62 4.24 -14.84
N LEU A 65 -19.64 5.07 -14.89
CA LEU A 65 -20.92 4.66 -15.47
C LEU A 65 -20.84 4.68 -16.99
N ASN A 66 -19.99 5.54 -17.54
CA ASN A 66 -19.75 5.56 -18.97
C ASN A 66 -19.00 4.30 -19.40
N ILE A 67 -18.19 3.77 -18.50
CA ILE A 67 -17.46 2.53 -18.74
C ILE A 67 -18.41 1.34 -18.78
N ILE A 68 -19.27 1.24 -17.77
CA ILE A 68 -20.29 0.20 -17.70
C ILE A 68 -21.19 0.21 -18.93
N ASP A 69 -21.63 1.40 -19.31
CA ASP A 69 -22.46 1.59 -20.49
C ASP A 69 -21.73 1.13 -21.74
N GLY A 70 -20.46 1.52 -21.87
CA GLY A 70 -19.69 1.20 -23.05
C GLY A 70 -19.27 -0.25 -23.14
N ILE A 71 -18.96 -0.85 -21.98
CA ILE A 71 -18.56 -2.25 -21.93
C ILE A 71 -19.70 -3.16 -22.37
N LEU A 72 -20.91 -2.84 -21.94
CA LEU A 72 -22.06 -3.67 -22.32
C LEU A 72 -22.36 -3.50 -23.80
N ARG A 73 -22.30 -2.27 -24.29
CA ARG A 73 -22.58 -2.00 -25.70
C ARG A 73 -21.55 -2.67 -26.59
N SER A 74 -20.30 -2.67 -26.13
CA SER A 74 -19.23 -3.31 -26.89
C SER A 74 -19.43 -4.82 -26.90
N PHE A 75 -19.92 -5.37 -25.79
CA PHE A 75 -20.16 -6.81 -25.71
C PHE A 75 -21.24 -7.26 -26.67
N ILE A 76 -22.36 -6.53 -26.68
CA ILE A 76 -23.49 -6.86 -27.54
C ILE A 76 -23.11 -6.80 -29.03
N GLU A 77 -22.33 -5.78 -29.41
CA GLU A 77 -21.93 -5.65 -30.81
C GLU A 77 -21.09 -6.84 -31.26
N ASN A 78 -20.14 -7.23 -30.42
CA ASN A 78 -19.24 -8.33 -30.73
C ASN A 78 -19.91 -9.69 -30.60
N ASN A 79 -21.13 -9.70 -30.08
CA ASN A 79 -21.86 -10.94 -29.85
C ASN A 79 -22.93 -11.15 -30.92
N LYS A 80 -23.12 -10.13 -31.76
CA LYS A 80 -24.03 -10.21 -32.90
C LYS A 80 -23.62 -11.31 -33.87
N THR A 81 -22.31 -11.52 -33.99
CA THR A 81 -21.73 -12.52 -34.89
C THR A 81 -22.20 -13.93 -34.54
N HIS A 82 -22.19 -14.24 -33.25
CA HIS A 82 -22.61 -15.55 -32.75
C HIS A 82 -24.11 -15.80 -32.93
N VAL A 83 -24.86 -14.72 -33.12
CA VAL A 83 -26.32 -14.79 -33.12
C VAL A 83 -26.86 -15.21 -34.48
N ILE A 84 -26.20 -14.78 -35.55
CA ILE A 84 -26.66 -15.05 -36.91
C ILE A 84 -26.70 -16.55 -37.29
N ASN A 85 -25.65 -17.29 -36.95
CA ASN A 85 -25.58 -18.70 -37.33
C ASN A 85 -25.88 -19.71 -36.22
N SER A 86 -26.53 -19.28 -35.15
CA SER A 86 -26.81 -20.18 -34.02
C SER A 86 -28.28 -20.53 -33.94
N SER A 87 -28.60 -21.55 -33.14
CA SER A 87 -29.97 -22.00 -32.98
C SER A 87 -30.80 -20.92 -32.28
N ASN A 88 -32.11 -20.95 -32.50
CA ASN A 88 -33.02 -19.96 -31.92
C ASN A 88 -32.94 -20.01 -30.39
N ALA A 89 -32.73 -21.22 -29.88
CA ALA A 89 -32.56 -21.44 -28.45
C ALA A 89 -31.44 -20.57 -27.91
N TYR A 90 -30.27 -20.62 -28.54
CA TYR A 90 -29.15 -19.80 -28.10
C TYR A 90 -29.47 -18.33 -28.14
N ILE A 91 -30.17 -17.88 -29.18
CA ILE A 91 -30.48 -16.46 -29.30
C ILE A 91 -31.37 -15.98 -28.17
N TYR A 92 -32.46 -16.69 -27.94
CA TYR A 92 -33.44 -16.28 -26.93
C TYR A 92 -32.85 -16.39 -25.50
N ILE A 93 -32.14 -17.48 -25.25
CA ILE A 93 -31.49 -17.70 -23.95
C ILE A 93 -30.40 -16.65 -23.68
N GLN A 94 -29.54 -16.41 -24.67
CA GLN A 94 -28.49 -15.39 -24.55
C GLN A 94 -29.06 -14.01 -24.31
N LYS A 95 -30.11 -13.68 -25.05
CA LYS A 95 -30.79 -12.39 -24.88
C LYS A 95 -31.27 -12.27 -23.44
N GLU A 96 -31.85 -13.36 -22.93
CA GLU A 96 -32.29 -13.43 -21.54
C GLU A 96 -31.13 -13.20 -20.55
N LYS A 97 -30.00 -13.84 -20.80
CA LYS A 97 -28.82 -13.71 -19.94
C LYS A 97 -28.30 -12.27 -19.89
N ILE A 98 -28.24 -11.64 -21.06
CA ILE A 98 -27.79 -10.25 -21.14
C ILE A 98 -28.75 -9.35 -20.36
N LYS A 99 -30.04 -9.57 -20.54
CA LYS A 99 -31.04 -8.82 -19.78
C LYS A 99 -30.81 -8.99 -18.28
N ASN A 100 -30.51 -10.22 -17.85
CA ASN A 100 -30.26 -10.50 -16.44
C ASN A 100 -29.05 -9.75 -15.91
N VAL A 101 -27.97 -9.74 -16.68
CA VAL A 101 -26.75 -9.03 -16.30
C VAL A 101 -27.03 -7.54 -16.14
N CYS A 102 -27.74 -6.97 -17.12
CA CYS A 102 -28.11 -5.56 -17.07
C CYS A 102 -28.93 -5.24 -15.81
N ASN A 103 -29.92 -6.08 -15.52
CA ASN A 103 -30.74 -5.88 -14.33
C ASN A 103 -29.93 -5.97 -13.05
N PHE A 104 -28.96 -6.89 -13.03
CA PHE A 104 -28.04 -7.02 -11.90
C PHE A 104 -27.30 -5.71 -11.67
N ILE A 105 -26.68 -5.21 -12.73
CA ILE A 105 -25.95 -3.94 -12.65
C ILE A 105 -26.84 -2.82 -12.12
N LEU A 106 -28.04 -2.69 -12.69
CA LEU A 106 -28.95 -1.62 -12.29
C LEU A 106 -29.37 -1.74 -10.82
N LYS A 107 -29.59 -2.97 -10.35
CA LYS A 107 -29.94 -3.17 -8.95
C LYS A 107 -28.82 -2.74 -8.02
N LYS A 108 -27.59 -3.16 -8.35
CA LYS A 108 -26.45 -2.80 -7.53
C LYS A 108 -26.25 -1.28 -7.49
N LEU A 109 -26.44 -0.64 -8.65
CA LEU A 109 -26.32 0.80 -8.77
C LEU A 109 -27.36 1.53 -7.93
N ASN A 110 -28.61 1.06 -7.98
CA ASN A 110 -29.68 1.68 -7.18
C ASN A 110 -29.44 1.54 -5.68
N SER A 111 -28.94 0.37 -5.26
CA SER A 111 -28.57 0.17 -3.87
C SER A 111 -27.49 1.19 -3.46
N LEU A 112 -26.49 1.32 -4.32
CA LEU A 112 -25.41 2.27 -4.14
C LEU A 112 -25.92 3.71 -4.00
N ILE A 113 -26.93 4.03 -4.82
CA ILE A 113 -27.57 5.35 -4.78
C ILE A 113 -28.21 5.58 -3.43
N GLN A 114 -28.92 4.57 -2.91
CA GLN A 114 -29.53 4.73 -1.59
C GLN A 114 -28.49 5.01 -0.50
N ILE A 115 -27.47 4.16 -0.49
CA ILE A 115 -26.34 4.32 0.43
C ILE A 115 -25.79 5.75 0.40
N ASN A 116 -25.54 6.26 -0.79
CA ASN A 116 -24.97 7.61 -0.90
C ASN A 116 -25.99 8.73 -0.75
N GLU A 117 -27.27 8.38 -0.69
CA GLU A 117 -28.30 9.34 -0.34
C GLU A 117 -28.19 9.59 1.15
N LEU A 118 -28.07 8.50 1.91
CA LEU A 118 -27.84 8.66 3.35
C LEU A 118 -26.49 9.35 3.61
N ASN A 119 -25.48 9.00 2.82
CA ASN A 119 -24.17 9.67 2.91
C ASN A 119 -24.25 11.18 2.62
N LYS A 120 -25.03 11.54 1.61
CA LYS A 120 -25.29 12.94 1.25
C LYS A 120 -25.94 13.70 2.40
N SER A 121 -27.00 13.12 2.95
CA SER A 121 -27.68 13.73 4.09
C SER A 121 -26.72 13.94 5.25
N HIS A 122 -25.90 12.91 5.51
CA HIS A 122 -24.91 12.96 6.57
C HIS A 122 -23.92 14.12 6.36
N ILE A 123 -23.48 14.30 5.11
CA ILE A 123 -22.55 15.37 4.78
C ILE A 123 -23.19 16.75 4.97
N ILE A 124 -24.40 16.92 4.44
CA ILE A 124 -25.10 18.19 4.59
C ILE A 124 -25.30 18.54 6.06
N LEU A 125 -25.67 17.56 6.86
CA LEU A 125 -25.85 17.81 8.29
C LEU A 125 -24.54 18.19 8.99
N LYS A 126 -23.50 17.37 8.83
CA LYS A 126 -22.27 17.56 9.58
C LYS A 126 -21.57 18.88 9.27
N TYR A 127 -21.68 19.37 8.03
CA TYR A 127 -20.99 20.60 7.64
C TYR A 127 -21.93 21.67 7.13
N GLY A 128 -22.45 21.47 5.91
CA GLY A 128 -23.31 22.45 5.28
C GLY A 128 -24.44 22.94 6.17
N LYS A 129 -24.93 24.14 5.87
CA LYS A 129 -26.00 24.73 6.65
C LYS A 129 -26.90 25.56 5.76
N GLY A 130 -27.90 24.90 5.17
CA GLY A 130 -28.85 25.53 4.28
C GLY A 130 -29.34 26.90 4.69
N GLU A 131 -30.17 26.96 5.73
CA GLU A 131 -30.64 25.77 6.43
C GLU A 131 -31.91 25.22 5.77
N ALA A 132 -32.30 25.85 4.67
CA ALA A 132 -33.44 25.38 3.90
C ALA A 132 -33.07 24.07 3.22
N LYS A 133 -31.79 23.92 2.91
CA LYS A 133 -31.27 22.67 2.40
C LYS A 133 -31.01 21.74 3.57
N LYS A 134 -30.78 22.34 4.74
CA LYS A 134 -30.61 21.59 5.97
C LYS A 134 -31.99 21.31 6.57
N GLY A 135 -33.00 21.32 5.70
CA GLY A 135 -34.31 20.77 6.02
C GLY A 135 -34.25 19.29 5.74
N VAL A 136 -33.05 18.74 5.89
CA VAL A 136 -32.79 17.31 5.81
C VAL A 136 -33.07 16.75 7.20
N LEU A 137 -33.00 17.65 8.18
CA LEU A 137 -33.33 17.33 9.56
C LEU A 137 -34.75 16.78 9.72
N GLU A 138 -35.68 17.26 8.90
CA GLU A 138 -37.05 16.78 8.96
C GLU A 138 -37.16 15.42 8.29
N SER A 139 -36.35 15.21 7.25
CA SER A 139 -36.37 13.96 6.51
C SER A 139 -35.71 12.89 7.35
N ILE A 140 -34.71 13.29 8.12
CA ILE A 140 -34.03 12.37 9.02
C ILE A 140 -34.98 12.07 10.19
N LYS A 141 -35.67 13.10 10.66
CA LYS A 141 -36.61 12.95 11.77
C LYS A 141 -37.77 12.02 11.43
N ASN A 142 -38.16 12.00 10.16
CA ASN A 142 -39.25 11.13 9.72
C ASN A 142 -38.76 9.78 9.21
N ASN A 143 -37.46 9.67 8.92
CA ASN A 143 -36.88 8.44 8.41
C ASN A 143 -37.09 7.28 9.37
N ASP A 144 -37.91 6.32 8.95
CA ASP A 144 -38.18 5.13 9.76
C ASP A 144 -37.28 3.99 9.34
N ASP A 145 -36.42 4.25 8.35
CA ASP A 145 -35.56 3.21 7.79
C ASP A 145 -34.19 3.14 8.47
N ILE A 146 -33.76 4.22 9.14
CA ILE A 146 -32.49 4.17 9.84
C ILE A 146 -32.72 3.84 11.31
N SER A 147 -31.68 3.32 11.97
CA SER A 147 -31.77 2.99 13.38
C SER A 147 -31.96 4.27 14.19
N LYS A 148 -32.49 4.13 15.40
CA LYS A 148 -32.69 5.28 16.26
C LYS A 148 -31.34 5.75 16.77
N ASN A 149 -30.36 4.86 16.75
CA ASN A 149 -28.99 5.19 17.11
C ASN A 149 -28.38 6.23 16.18
N LEU A 150 -28.40 5.94 14.87
CA LEU A 150 -27.90 6.86 13.87
C LEU A 150 -28.68 8.16 13.91
N LYS A 151 -30.01 8.05 14.06
CA LYS A 151 -30.90 9.20 14.14
C LYS A 151 -30.48 10.13 15.28
N SER A 152 -30.20 9.50 16.41
CA SER A 152 -29.76 10.20 17.61
C SER A 152 -28.44 10.92 17.36
N GLU A 153 -27.46 10.20 16.82
CA GLU A 153 -26.16 10.80 16.55
C GLU A 153 -26.22 11.91 15.49
N LEU A 154 -27.21 11.86 14.61
CA LEU A 154 -27.30 12.84 13.53
C LEU A 154 -28.05 14.10 13.94
N LEU A 155 -29.08 13.97 14.78
CA LEU A 155 -29.90 15.13 15.11
C LEU A 155 -29.17 16.10 16.05
N LYS A 156 -27.98 15.71 16.48
CA LYS A 156 -27.16 16.57 17.31
C LYS A 156 -26.51 17.68 16.47
N TYR A 157 -26.56 17.54 15.14
CA TYR A 157 -26.01 18.57 14.25
C TYR A 157 -27.03 19.69 14.02
N ARG A 166 -11.55 23.58 8.91
CA ARG A 166 -12.87 23.63 8.30
C ARG A 166 -12.90 22.89 6.97
N VAL A 167 -11.90 23.15 6.12
CA VAL A 167 -11.86 22.52 4.80
C VAL A 167 -11.02 21.25 4.86
N SER A 168 -9.92 21.29 5.60
CA SER A 168 -9.07 20.12 5.74
C SER A 168 -9.87 19.04 6.45
N GLU A 169 -10.80 19.51 7.28
CA GLU A 169 -11.68 18.64 8.05
C GLU A 169 -12.74 18.01 7.14
N LEU A 170 -13.25 18.79 6.19
CA LEU A 170 -14.25 18.31 5.24
C LEU A 170 -13.62 17.26 4.32
N ILE A 171 -12.40 17.52 3.86
CA ILE A 171 -11.65 16.53 3.11
C ILE A 171 -11.48 15.28 3.95
N ASN A 172 -11.12 15.47 5.21
CA ASN A 172 -10.90 14.34 6.11
C ASN A 172 -12.17 13.52 6.33
N PHE A 173 -13.33 14.15 6.17
CA PHE A 173 -14.59 13.43 6.39
C PHE A 173 -15.13 12.74 5.15
N ILE A 174 -15.08 13.43 4.00
CA ILE A 174 -15.68 12.87 2.80
C ILE A 174 -14.71 11.96 2.04
N THR A 175 -13.43 12.01 2.38
CA THR A 175 -12.46 11.15 1.69
C THR A 175 -12.76 9.65 1.86
N PRO A 176 -13.02 9.18 3.10
CA PRO A 176 -13.34 7.75 3.17
C PRO A 176 -14.66 7.40 2.47
N ILE A 177 -15.66 8.27 2.58
CA ILE A 177 -16.96 8.04 1.98
C ILE A 177 -16.87 8.00 0.45
N TYR A 178 -16.20 8.99 -0.11
CA TYR A 178 -16.04 9.08 -1.56
C TYR A 178 -15.16 7.96 -2.12
N ASP A 179 -14.08 7.63 -1.43
CA ASP A 179 -13.20 6.56 -1.87
C ASP A 179 -13.91 5.21 -1.88
N ASP A 180 -14.80 5.01 -0.91
CA ASP A 180 -15.57 3.79 -0.83
C ASP A 180 -16.61 3.71 -1.95
N PHE A 181 -17.13 4.88 -2.33
CA PHE A 181 -18.12 4.95 -3.41
C PHE A 181 -17.48 4.54 -4.73
N ILE A 182 -16.35 5.16 -5.04
CA ILE A 182 -15.62 4.87 -6.26
C ILE A 182 -15.11 3.43 -6.28
N LYS A 183 -14.76 2.92 -5.10
CA LYS A 183 -14.29 1.54 -4.98
C LYS A 183 -15.42 0.58 -5.35
N ASN A 184 -16.62 0.88 -4.86
CA ASN A 184 -17.80 0.05 -5.16
C ASN A 184 -18.15 0.07 -6.64
N LEU A 185 -17.96 1.23 -7.28
CA LEU A 185 -18.20 1.36 -8.72
C LEU A 185 -17.15 0.60 -9.51
N THR A 186 -15.93 0.57 -8.98
CA THR A 186 -14.81 -0.09 -9.64
C THR A 186 -14.97 -1.61 -9.61
N ASP A 187 -15.42 -2.13 -8.47
CA ASP A 187 -15.64 -3.57 -8.32
C ASP A 187 -16.87 -4.02 -9.08
N LEU A 188 -17.82 -3.12 -9.28
CA LEU A 188 -19.02 -3.40 -10.04
C LEU A 188 -18.68 -3.60 -11.51
N ILE A 189 -17.76 -2.77 -11.99
CA ILE A 189 -17.23 -2.89 -13.34
C ILE A 189 -16.54 -4.24 -13.48
N ASN A 190 -15.87 -4.67 -12.41
CA ASN A 190 -15.18 -5.96 -12.42
C ASN A 190 -16.19 -7.11 -12.45
N ASP A 191 -17.28 -6.97 -11.70
CA ASP A 191 -18.34 -7.98 -11.70
C ASP A 191 -19.01 -8.09 -13.07
N LEU A 192 -19.18 -6.95 -13.73
CA LEU A 192 -19.77 -6.91 -15.06
C LEU A 192 -18.90 -7.63 -16.09
N GLN A 193 -17.60 -7.38 -16.03
CA GLN A 193 -16.67 -8.00 -16.96
C GLN A 193 -16.57 -9.50 -16.73
N ILE A 194 -16.81 -9.92 -15.48
CA ILE A 194 -16.79 -11.34 -15.15
C ILE A 194 -18.06 -12.03 -15.66
N LYS A 195 -19.21 -11.43 -15.40
CA LYS A 195 -20.48 -12.03 -15.80
C LYS A 195 -20.65 -12.07 -17.31
N LEU A 196 -20.10 -11.08 -18.01
CA LEU A 196 -20.18 -11.06 -19.47
C LEU A 196 -19.29 -12.15 -20.06
N LYS A 197 -18.16 -12.42 -19.42
CA LYS A 197 -17.24 -13.44 -19.87
C LYS A 197 -17.87 -14.83 -19.74
N ASN A 198 -18.70 -15.02 -18.72
CA ASN A 198 -19.35 -16.30 -18.46
C ASN A 198 -20.42 -16.62 -19.50
N ILE A 199 -20.73 -15.64 -20.34
CA ILE A 199 -21.71 -15.82 -21.41
C ILE A 199 -21.11 -15.36 -22.73
N SER A 200 -19.78 -15.21 -22.72
CA SER A 200 -19.02 -14.84 -23.90
C SER A 200 -18.51 -16.07 -24.63
N ILE B 10 -7.44 -12.19 -0.15
CA ILE B 10 -6.58 -12.72 0.89
C ILE B 10 -5.53 -11.68 1.28
N ILE B 11 -4.88 -11.10 0.27
CA ILE B 11 -3.89 -10.04 0.49
C ILE B 11 -4.54 -8.80 1.14
N GLU B 12 -5.80 -8.56 0.81
CA GLU B 12 -6.55 -7.45 1.37
C GLU B 12 -6.76 -7.66 2.87
N GLU B 13 -6.90 -8.93 3.26
CA GLU B 13 -7.13 -9.31 4.64
C GLU B 13 -5.85 -9.12 5.47
N PHE B 14 -4.72 -9.44 4.86
CA PHE B 14 -3.40 -9.22 5.46
C PHE B 14 -3.13 -7.72 5.60
N ASP B 15 -3.43 -7.00 4.53
CA ASP B 15 -3.35 -5.55 4.53
C ASP B 15 -4.21 -4.98 5.65
N LYS B 16 -5.34 -5.62 5.89
CA LYS B 16 -6.23 -5.19 6.95
C LYS B 16 -5.58 -5.44 8.31
N LEU B 17 -4.87 -6.56 8.45
CA LEU B 17 -4.08 -6.79 9.68
C LEU B 17 -3.11 -5.64 9.92
N SER B 18 -2.35 -5.30 8.89
CA SER B 18 -1.36 -4.23 9.00
C SER B 18 -2.00 -2.89 9.38
N ASP B 19 -3.07 -2.53 8.68
CA ASP B 19 -3.73 -1.25 8.91
C ASP B 19 -4.35 -1.15 10.30
N ASP B 20 -5.04 -2.21 10.71
CA ASP B 20 -5.66 -2.25 12.02
C ASP B 20 -4.62 -2.14 13.12
N PHE B 21 -3.55 -2.92 12.99
CA PHE B 21 -2.47 -2.89 13.97
C PHE B 21 -1.85 -1.50 14.05
N SER B 22 -1.61 -0.89 12.88
CA SER B 22 -1.05 0.45 12.83
C SER B 22 -1.94 1.47 13.53
N ASN B 23 -3.24 1.38 13.29
CA ASN B 23 -4.19 2.27 13.95
C ASN B 23 -4.13 2.11 15.47
N ASP B 24 -4.15 0.87 15.94
CA ASP B 24 -4.07 0.59 17.37
C ASP B 24 -2.80 1.17 17.97
N ILE B 25 -1.68 0.99 17.26
CA ILE B 25 -0.39 1.53 17.70
C ILE B 25 -0.40 3.06 17.77
N ASN B 26 -1.00 3.72 16.79
CA ASN B 26 -1.10 5.19 16.84
C ASN B 26 -1.95 5.63 18.03
N ALA B 27 -3.02 4.89 18.29
CA ALA B 27 -3.83 5.16 19.47
C ALA B 27 -2.99 5.07 20.74
N THR B 28 -2.20 4.01 20.85
CA THR B 28 -1.27 3.84 21.97
C THR B 28 -0.29 5.02 22.09
N LYS B 29 0.25 5.43 20.95
CA LYS B 29 1.18 6.55 20.89
C LYS B 29 0.56 7.82 21.43
N GLN B 30 -0.66 8.12 20.99
CA GLN B 30 -1.34 9.32 21.46
C GLN B 30 -1.62 9.22 22.96
N THR B 31 -1.98 8.03 23.43
CA THR B 31 -2.19 7.83 24.87
C THR B 31 -0.92 8.17 25.68
N ILE B 32 0.22 7.62 25.27
CA ILE B 32 1.49 7.87 25.98
C ILE B 32 1.91 9.34 25.88
N LYS B 33 1.70 9.92 24.71
CA LYS B 33 1.99 11.33 24.49
C LYS B 33 1.17 12.16 25.47
N ASP B 34 -0.10 11.77 25.64
CA ASP B 34 -0.99 12.39 26.62
C ASP B 34 -0.48 12.21 28.05
N LEU B 35 0.15 11.08 28.34
CA LEU B 35 0.80 10.90 29.64
C LEU B 35 1.82 12.01 29.85
N PHE B 36 2.74 12.12 28.90
CA PHE B 36 3.80 13.12 29.00
C PHE B 36 3.23 14.54 29.09
N LEU B 37 2.17 14.81 28.34
CA LEU B 37 1.53 16.13 28.35
C LEU B 37 0.92 16.44 29.72
N ASP B 38 0.26 15.44 30.30
CA ASP B 38 -0.33 15.60 31.62
C ASP B 38 0.73 15.84 32.68
N ILE B 39 1.90 15.24 32.50
CA ILE B 39 3.00 15.50 33.44
C ILE B 39 3.53 16.91 33.22
N GLU B 40 3.49 17.39 31.97
CA GLU B 40 3.93 18.76 31.69
C GLU B 40 2.90 19.74 32.23
N ALA B 41 2.95 19.87 33.56
CA ALA B 41 2.16 20.81 34.32
C ALA B 41 3.17 21.51 35.22
N SER B 42 4.38 21.62 34.68
CA SER B 42 5.53 22.22 35.34
C SER B 42 5.98 21.38 36.53
N ASP B 49 13.20 24.60 31.26
CA ASP B 49 12.32 24.08 32.30
C ASP B 49 12.15 22.56 32.20
N VAL B 50 11.27 22.02 33.03
CA VAL B 50 10.94 20.60 33.01
C VAL B 50 10.09 20.29 31.78
N VAL B 51 9.35 21.28 31.29
CA VAL B 51 8.48 21.10 30.13
C VAL B 51 9.25 20.63 28.89
N LYS B 52 10.34 21.33 28.58
CA LYS B 52 11.15 20.98 27.41
C LYS B 52 11.77 19.61 27.58
N LEU B 53 12.15 19.30 28.81
CA LEU B 53 12.77 18.02 29.14
C LEU B 53 11.80 16.86 28.90
N LEU B 54 10.58 17.00 29.39
CA LEU B 54 9.56 15.97 29.24
C LEU B 54 9.13 15.82 27.79
N SER B 55 9.03 16.94 27.08
CA SER B 55 8.69 16.92 25.66
C SER B 55 9.79 16.24 24.87
N LYS B 56 11.03 16.39 25.32
CA LYS B 56 12.16 15.75 24.67
C LYS B 56 12.21 14.26 25.02
N TYR B 57 11.74 13.91 26.21
CA TYR B 57 11.67 12.51 26.63
C TYR B 57 10.57 11.76 25.88
N SER B 58 9.53 12.49 25.49
CA SER B 58 8.34 11.89 24.89
C SER B 58 8.60 11.34 23.49
N PHE B 59 9.78 11.61 22.94
CA PHE B 59 10.09 11.20 21.58
C PHE B 59 10.54 9.74 21.49
N VAL B 60 11.16 9.26 22.55
CA VAL B 60 11.71 7.90 22.55
C VAL B 60 10.63 6.80 22.55
N PRO B 61 9.59 6.92 23.39
CA PRO B 61 8.57 5.87 23.28
C PRO B 61 7.90 5.82 21.91
N GLU B 62 7.76 6.98 21.28
CA GLU B 62 7.19 7.06 19.94
C GLU B 62 8.07 6.36 18.92
N GLU B 63 9.38 6.51 19.04
CA GLU B 63 10.33 5.83 18.16
C GLU B 63 10.25 4.32 18.34
N LYS B 64 10.13 3.87 19.59
CA LYS B 64 10.03 2.44 19.88
C LYS B 64 8.74 1.83 19.32
N LEU B 65 7.66 2.59 19.37
CA LEU B 65 6.36 2.11 18.89
C LEU B 65 6.28 2.15 17.36
N ASN B 66 7.03 3.05 16.74
CA ASN B 66 7.08 3.09 15.28
C ASN B 66 7.81 1.85 14.75
N ILE B 67 8.72 1.32 15.56
CA ILE B 67 9.42 0.10 15.22
C ILE B 67 8.47 -1.10 15.24
N ILE B 68 7.72 -1.24 16.33
CA ILE B 68 6.73 -2.30 16.46
C ILE B 68 5.76 -2.27 15.29
N ASP B 69 5.29 -1.07 14.97
CA ASP B 69 4.38 -0.85 13.85
C ASP B 69 5.02 -1.30 12.54
N GLY B 70 6.27 -0.90 12.34
CA GLY B 70 6.96 -1.21 11.10
C GLY B 70 7.42 -2.65 10.94
N ILE B 71 7.79 -3.28 12.05
CA ILE B 71 8.24 -4.67 12.03
C ILE B 71 7.14 -5.60 11.55
N LEU B 72 5.93 -5.38 12.05
CA LEU B 72 4.81 -6.24 11.67
C LEU B 72 4.37 -5.98 10.24
N ARG B 73 4.33 -4.72 9.83
CA ARG B 73 3.91 -4.38 8.48
C ARG B 73 4.86 -4.97 7.46
N SER B 74 6.16 -4.95 7.79
CA SER B 74 7.16 -5.55 6.93
C SER B 74 6.98 -7.06 6.89
N PHE B 75 6.61 -7.62 8.03
CA PHE B 75 6.41 -9.06 8.12
C PHE B 75 5.23 -9.49 7.25
N ILE B 76 4.13 -8.74 7.31
CA ILE B 76 2.95 -9.03 6.52
C ILE B 76 3.27 -8.96 5.02
N GLU B 77 3.99 -7.94 4.60
CA GLU B 77 4.35 -7.76 3.20
C GLU B 77 5.23 -8.90 2.67
N ASN B 78 6.26 -9.25 3.44
CA ASN B 78 7.21 -10.28 3.03
C ASN B 78 6.64 -11.69 3.17
N ASN B 79 5.45 -11.80 3.77
CA ASN B 79 4.85 -13.10 3.99
C ASN B 79 3.75 -13.34 2.98
N LYS B 80 3.44 -12.29 2.22
CA LYS B 80 2.52 -12.40 1.09
C LYS B 80 3.09 -13.40 0.09
N THR B 81 4.41 -13.46 0.03
CA THR B 81 5.12 -14.37 -0.87
C THR B 81 4.80 -15.83 -0.58
N HIS B 82 5.18 -16.31 0.61
CA HIS B 82 4.91 -17.68 1.01
C HIS B 82 3.43 -17.92 1.33
N VAL B 83 2.56 -17.41 0.46
CA VAL B 83 1.12 -17.53 0.60
C VAL B 83 0.53 -18.20 -0.64
N ILE B 84 1.12 -17.89 -1.80
CA ILE B 84 0.63 -18.38 -3.09
C ILE B 84 0.62 -19.90 -3.15
N ASN B 85 1.63 -20.53 -2.57
CA ASN B 85 1.73 -21.98 -2.62
C ASN B 85 1.16 -22.62 -1.35
N SER B 86 0.33 -21.87 -0.62
CA SER B 86 -0.25 -22.43 0.59
C SER B 86 -1.73 -22.72 0.43
N SER B 87 -2.22 -23.66 1.23
CA SER B 87 -3.63 -24.00 1.23
C SER B 87 -4.39 -22.87 1.90
N ASN B 88 -5.69 -22.79 1.66
CA ASN B 88 -6.48 -21.74 2.28
C ASN B 88 -6.48 -21.94 3.79
N ALA B 89 -6.49 -23.19 4.21
CA ALA B 89 -6.47 -23.55 5.62
C ALA B 89 -5.22 -23.04 6.33
N TYR B 90 -4.05 -23.34 5.74
CA TYR B 90 -2.78 -22.92 6.31
C TYR B 90 -2.73 -21.39 6.42
N ILE B 91 -3.26 -20.73 5.40
CA ILE B 91 -3.30 -19.27 5.36
C ILE B 91 -4.16 -18.70 6.47
N TYR B 92 -5.37 -19.23 6.63
CA TYR B 92 -6.27 -18.74 7.68
C TYR B 92 -5.70 -19.00 9.07
N ILE B 93 -5.07 -20.17 9.26
CA ILE B 93 -4.44 -20.48 10.54
C ILE B 93 -3.29 -19.52 10.85
N GLN B 94 -2.42 -19.31 9.87
CA GLN B 94 -1.30 -18.39 10.02
C GLN B 94 -1.77 -16.98 10.34
N LYS B 95 -2.81 -16.56 9.62
CA LYS B 95 -3.44 -15.26 9.81
C LYS B 95 -3.99 -15.13 11.25
N GLU B 96 -4.62 -16.19 11.75
CA GLU B 96 -5.07 -16.22 13.15
C GLU B 96 -3.91 -16.05 14.12
N LYS B 97 -2.82 -16.78 13.85
CA LYS B 97 -1.63 -16.72 14.70
C LYS B 97 -1.03 -15.31 14.75
N ILE B 98 -0.96 -14.67 13.57
CA ILE B 98 -0.47 -13.30 13.47
C ILE B 98 -1.35 -12.33 14.25
N LYS B 99 -2.66 -12.48 14.09
CA LYS B 99 -3.62 -11.66 14.84
C LYS B 99 -3.39 -11.82 16.34
N ASN B 100 -3.10 -13.05 16.77
CA ASN B 100 -2.82 -13.33 18.16
C ASN B 100 -1.56 -12.63 18.63
N VAL B 101 -0.54 -12.62 17.78
CA VAL B 101 0.70 -11.90 18.10
C VAL B 101 0.41 -10.42 18.33
N CYS B 102 -0.34 -9.82 17.41
CA CYS B 102 -0.72 -8.41 17.53
C CYS B 102 -1.47 -8.13 18.82
N ASN B 103 -2.45 -8.96 19.13
CA ASN B 103 -3.24 -8.78 20.35
C ASN B 103 -2.39 -8.93 21.61
N PHE B 104 -1.44 -9.85 21.57
CA PHE B 104 -0.47 -10.05 22.65
C PHE B 104 0.29 -8.75 22.91
N ILE B 105 0.88 -8.22 21.85
CA ILE B 105 1.64 -6.97 21.95
C ILE B 105 0.78 -5.84 22.52
N LEU B 106 -0.43 -5.67 21.98
CA LEU B 106 -1.30 -4.58 22.42
C LEU B 106 -1.67 -4.73 23.89
N LYS B 107 -1.86 -5.97 24.33
CA LYS B 107 -2.13 -6.26 25.73
C LYS B 107 -0.98 -5.77 26.61
N LYS B 108 0.23 -6.17 26.25
CA LYS B 108 1.42 -5.74 27.01
C LYS B 108 1.54 -4.22 27.05
N LEU B 109 1.27 -3.58 25.91
CA LEU B 109 1.32 -2.12 25.82
C LEU B 109 0.31 -1.44 26.74
N ASN B 110 -0.92 -1.96 26.75
CA ASN B 110 -1.94 -1.38 27.62
C ASN B 110 -1.57 -1.53 29.10
N SER B 111 -1.01 -2.69 29.46
CA SER B 111 -0.50 -2.89 30.82
C SER B 111 0.58 -1.87 31.18
N LEU B 112 1.53 -1.69 30.26
CA LEU B 112 2.61 -0.72 30.43
C LEU B 112 2.04 0.68 30.64
N ILE B 113 1.01 1.01 29.87
CA ILE B 113 0.33 2.30 29.97
C ILE B 113 -0.29 2.46 31.34
N GLN B 114 -0.96 1.44 31.85
CA GLN B 114 -1.55 1.52 33.19
C GLN B 114 -0.49 1.80 34.27
N ILE B 115 0.55 0.97 34.27
CA ILE B 115 1.68 1.15 35.18
C ILE B 115 2.19 2.60 35.14
N ASN B 116 2.44 3.09 33.93
CA ASN B 116 3.02 4.42 33.78
C ASN B 116 2.01 5.55 33.95
N GLU B 117 0.73 5.22 34.03
CA GLU B 117 -0.28 6.20 34.40
C GLU B 117 -0.15 6.42 35.90
N LEU B 118 0.00 5.31 36.63
CA LEU B 118 0.25 5.44 38.05
C LEU B 118 1.56 6.19 38.29
N ASN B 119 2.55 5.91 37.45
CA ASN B 119 3.82 6.63 37.50
C ASN B 119 3.65 8.13 37.24
N LYS B 120 2.78 8.46 36.28
CA LYS B 120 2.47 9.85 35.97
C LYS B 120 1.86 10.58 37.17
N SER B 121 0.85 9.97 37.75
CA SER B 121 0.20 10.52 38.93
C SER B 121 1.20 10.73 40.07
N HIS B 122 2.04 9.72 40.28
CA HIS B 122 3.06 9.78 41.31
C HIS B 122 4.01 10.96 41.11
N ILE B 123 4.45 11.15 39.86
CA ILE B 123 5.36 12.24 39.52
C ILE B 123 4.69 13.60 39.71
N ILE B 124 3.46 13.73 39.22
CA ILE B 124 2.71 14.97 39.35
C ILE B 124 2.53 15.37 40.82
N LEU B 125 2.17 14.39 41.64
CA LEU B 125 1.98 14.64 43.07
C LEU B 125 3.27 15.02 43.77
N LYS B 126 4.31 14.22 43.58
CA LYS B 126 5.56 14.37 44.34
C LYS B 126 6.24 15.71 44.08
N TYR B 127 6.12 16.23 42.86
CA TYR B 127 6.79 17.47 42.51
C TYR B 127 5.85 18.54 42.01
N GLY B 128 5.32 18.39 40.79
CA GLY B 128 4.48 19.41 40.18
C GLY B 128 3.37 20.00 41.05
N LYS B 129 2.93 21.20 40.69
CA LYS B 129 1.88 21.88 41.44
C LYS B 129 0.97 22.67 40.51
N GLY B 130 -0.06 21.99 40.00
CA GLY B 130 -1.03 22.58 39.10
C GLY B 130 -1.53 23.97 39.45
N GLU B 131 -2.36 24.07 40.47
CA GLU B 131 -2.83 22.91 41.23
C GLU B 131 -4.10 22.33 40.61
N ALA B 132 -4.53 22.91 39.50
CA ALA B 132 -5.67 22.39 38.76
C ALA B 132 -5.27 21.08 38.11
N LYS B 133 -3.98 20.97 37.79
CA LYS B 133 -3.40 19.74 37.27
C LYS B 133 -3.09 18.78 38.41
N LYS B 134 -2.89 19.32 39.60
CA LYS B 134 -2.67 18.51 40.79
C LYS B 134 -4.03 18.13 41.37
N GLY B 135 -5.06 18.15 40.52
CA GLY B 135 -6.34 17.54 40.81
C GLY B 135 -6.29 16.06 40.48
N VAL B 136 -5.08 15.50 40.62
CA VAL B 136 -4.85 14.07 40.47
C VAL B 136 -5.14 13.46 41.83
N LEU B 137 -5.06 14.32 42.84
CA LEU B 137 -5.42 14.00 44.22
C LEU B 137 -6.86 13.51 44.29
N GLU B 138 -7.70 14.01 43.38
CA GLU B 138 -9.10 13.65 43.31
C GLU B 138 -9.29 12.26 42.72
N SER B 139 -8.44 11.88 41.77
CA SER B 139 -8.51 10.56 41.15
C SER B 139 -7.90 9.50 42.05
N ILE B 140 -6.85 9.89 42.79
CA ILE B 140 -6.16 8.98 43.69
C ILE B 140 -7.02 8.64 44.91
N LYS B 141 -7.70 9.64 45.45
CA LYS B 141 -8.56 9.42 46.60
C LYS B 141 -9.70 8.46 46.27
N ASN B 142 -10.17 8.54 45.02
CA ASN B 142 -11.25 7.68 44.54
C ASN B 142 -10.73 6.44 43.83
N ASN B 143 -9.55 5.98 44.23
CA ASN B 143 -8.92 4.83 43.59
C ASN B 143 -9.00 3.60 44.48
N ASP B 144 -9.76 2.62 44.05
CA ASP B 144 -9.93 1.38 44.79
C ASP B 144 -8.96 0.32 44.27
N ASP B 145 -8.16 0.69 43.28
CA ASP B 145 -7.26 -0.26 42.65
C ASP B 145 -5.86 -0.25 43.28
N ILE B 146 -5.51 0.84 43.96
CA ILE B 146 -4.22 0.90 44.64
C ILE B 146 -4.37 0.53 46.11
N SER B 147 -3.28 0.08 46.73
CA SER B 147 -3.31 -0.26 48.15
C SER B 147 -3.56 0.99 48.97
N LYS B 148 -4.06 0.82 50.18
CA LYS B 148 -4.32 1.97 51.03
C LYS B 148 -3.01 2.55 51.54
N ASN B 149 -1.98 1.71 51.61
CA ASN B 149 -0.65 2.15 52.03
C ASN B 149 -0.11 3.19 51.06
N LEU B 150 -0.08 2.83 49.79
CA LEU B 150 0.40 3.72 48.75
C LEU B 150 -0.44 5.00 48.71
N LYS B 151 -1.76 4.86 48.80
CA LYS B 151 -2.66 6.02 48.78
C LYS B 151 -2.36 6.99 49.92
N SER B 152 -2.17 6.44 51.12
CA SER B 152 -1.85 7.26 52.28
C SER B 152 -0.51 7.98 52.08
N GLU B 153 0.50 7.24 51.67
CA GLU B 153 1.81 7.83 51.41
C GLU B 153 1.79 8.86 50.27
N LEU B 154 0.80 8.73 49.39
CA LEU B 154 0.71 9.59 48.21
C LEU B 154 -0.02 10.89 48.51
N LEU B 155 -1.05 10.83 49.35
CA LEU B 155 -1.87 11.99 49.64
C LEU B 155 -1.19 12.96 50.60
N LYS B 156 0.00 12.60 51.07
CA LYS B 156 0.79 13.46 51.95
C LYS B 156 1.41 14.61 51.18
N TYR B 157 1.39 14.51 49.86
CA TYR B 157 1.94 15.56 48.99
C TYR B 157 0.95 16.70 48.78
N GLU B 158 -0.26 16.53 49.31
CA GLU B 158 -1.22 17.62 49.35
C GLU B 158 -0.75 18.67 50.35
N ASN B 159 -0.13 18.20 51.43
CA ASN B 159 0.44 19.09 52.44
C ASN B 159 1.86 19.51 52.06
N VAL B 160 2.10 19.65 50.75
CA VAL B 160 3.39 20.10 50.25
C VAL B 160 3.21 20.94 49.00
N ASN B 161 3.73 22.16 49.02
CA ASN B 161 3.71 23.04 47.85
C ASN B 161 5.08 23.08 47.20
N ASN B 162 5.12 22.86 45.88
CA ASN B 162 6.37 22.88 45.14
C ASN B 162 6.87 24.30 44.91
N GLN B 163 6.67 24.79 43.69
CA GLN B 163 7.17 26.09 43.25
C GLN B 163 8.68 26.19 43.38
N ASN B 164 9.21 25.90 44.57
CA ASN B 164 10.64 25.81 44.80
C ASN B 164 11.16 24.41 44.47
N ILE B 165 10.66 23.84 43.38
CA ILE B 165 11.06 22.50 42.95
C ILE B 165 12.38 22.55 42.18
N ARG B 166 13.43 21.99 42.76
CA ARG B 166 14.72 21.88 42.09
C ARG B 166 14.64 20.91 40.91
N VAL B 167 15.70 20.83 40.12
CA VAL B 167 15.70 19.95 38.97
C VAL B 167 16.33 18.59 39.24
N SER B 168 17.45 18.57 39.97
CA SER B 168 18.20 17.34 40.18
C SER B 168 17.48 16.22 40.93
N GLU B 169 16.61 16.59 41.86
CA GLU B 169 15.86 15.60 42.61
C GLU B 169 14.82 14.96 41.71
N LEU B 170 14.22 15.81 40.87
CA LEU B 170 13.22 15.37 39.91
C LEU B 170 13.84 14.45 38.87
N ILE B 171 15.04 14.82 38.40
CA ILE B 171 15.78 13.98 37.45
C ILE B 171 16.05 12.63 38.08
N ASN B 172 16.54 12.66 39.31
CA ASN B 172 16.86 11.43 40.04
C ASN B 172 15.64 10.58 40.33
N PHE B 173 14.46 11.21 40.34
CA PHE B 173 13.24 10.46 40.63
C PHE B 173 12.66 9.82 39.39
N ILE B 174 12.63 10.57 38.29
CA ILE B 174 11.98 10.08 37.08
C ILE B 174 12.92 9.25 36.22
N THR B 175 14.22 9.30 36.49
CA THR B 175 15.18 8.53 35.71
C THR B 175 14.95 7.00 35.82
N PRO B 176 14.77 6.47 37.06
CA PRO B 176 14.49 5.03 37.10
C PRO B 176 13.16 4.66 36.45
N ILE B 177 12.17 5.52 36.64
CA ILE B 177 10.83 5.30 36.08
C ILE B 177 10.89 5.29 34.56
N TYR B 178 11.55 6.29 34.01
CA TYR B 178 11.66 6.45 32.56
C TYR B 178 12.50 5.35 31.92
N ASP B 179 13.62 5.00 32.53
CA ASP B 179 14.49 3.96 31.99
C ASP B 179 13.82 2.58 31.99
N ASP B 180 13.00 2.32 33.00
CA ASP B 180 12.27 1.06 33.07
C ASP B 180 11.21 1.00 31.98
N PHE B 181 10.66 2.16 31.65
CA PHE B 181 9.66 2.27 30.59
C PHE B 181 10.27 1.95 29.24
N ILE B 182 11.37 2.61 28.91
CA ILE B 182 12.05 2.40 27.64
C ILE B 182 12.61 0.97 27.56
N LYS B 183 13.03 0.42 28.70
CA LYS B 183 13.52 -0.95 28.75
C LYS B 183 12.42 -1.95 28.41
N ASN B 184 11.23 -1.73 28.96
CA ASN B 184 10.09 -2.59 28.71
C ASN B 184 9.63 -2.51 27.25
N LEU B 185 9.73 -1.33 26.66
CA LEU B 185 9.37 -1.16 25.25
C LEU B 185 10.38 -1.88 24.35
N THR B 186 11.63 -1.91 24.79
CA THR B 186 12.69 -2.56 24.03
C THR B 186 12.53 -4.08 24.09
N ASP B 187 12.16 -4.60 25.25
CA ASP B 187 11.95 -6.04 25.41
C ASP B 187 10.70 -6.48 24.66
N LEU B 188 9.76 -5.55 24.53
CA LEU B 188 8.53 -5.81 23.80
C LEU B 188 8.82 -5.94 22.30
N ILE B 189 9.71 -5.09 21.82
CA ILE B 189 10.15 -5.14 20.43
C ILE B 189 10.84 -6.48 20.17
N ASN B 190 11.60 -6.95 21.15
CA ASN B 190 12.32 -8.21 21.01
C ASN B 190 11.38 -9.43 21.06
N ASP B 191 10.38 -9.39 21.93
CA ASP B 191 9.40 -10.47 22.02
C ASP B 191 8.61 -10.61 20.73
N LEU B 192 8.31 -9.47 20.10
CA LEU B 192 7.59 -9.47 18.83
C LEU B 192 8.40 -10.17 17.75
N GLN B 193 9.68 -9.86 17.70
CA GLN B 193 10.59 -10.45 16.71
C GLN B 193 10.77 -11.95 16.94
N ILE B 194 10.62 -12.39 18.19
CA ILE B 194 10.73 -13.80 18.52
C ILE B 194 9.49 -14.55 18.04
N LYS B 195 8.32 -14.01 18.36
CA LYS B 195 7.06 -14.64 18.00
C LYS B 195 6.81 -14.63 16.49
N LEU B 196 7.26 -13.59 15.81
CA LEU B 196 7.10 -13.50 14.37
C LEU B 196 8.00 -14.52 13.69
N LYS B 197 9.17 -14.74 14.28
CA LYS B 197 10.11 -15.71 13.74
C LYS B 197 9.55 -17.13 13.86
N ASN B 198 8.80 -17.39 14.93
CA ASN B 198 8.22 -18.71 15.15
C ASN B 198 7.09 -19.02 14.16
N ILE B 199 6.64 -18.00 13.43
CA ILE B 199 5.58 -18.19 12.44
C ILE B 199 5.93 -17.56 11.10
N LYS C 7 -30.27 11.38 -43.00
CA LYS C 7 -28.84 11.05 -43.05
C LYS C 7 -28.37 10.38 -41.76
N ASN C 8 -28.80 9.14 -41.57
CA ASN C 8 -28.40 8.35 -40.41
C ASN C 8 -27.17 7.50 -40.74
N ASN C 9 -26.45 7.86 -41.80
CA ASN C 9 -25.26 7.13 -42.18
C ASN C 9 -24.02 7.69 -41.50
N ILE C 10 -24.17 8.87 -40.89
CA ILE C 10 -23.12 9.44 -40.06
C ILE C 10 -22.97 8.53 -38.84
N ILE C 11 -24.12 8.15 -38.28
CA ILE C 11 -24.18 7.25 -37.14
C ILE C 11 -23.53 5.91 -37.48
N GLU C 12 -23.69 5.47 -38.72
CA GLU C 12 -23.13 4.20 -39.14
C GLU C 12 -21.62 4.32 -39.32
N GLU C 13 -21.18 5.50 -39.78
CA GLU C 13 -19.75 5.79 -39.88
C GLU C 13 -19.08 5.74 -38.51
N PHE C 14 -19.70 6.41 -37.54
CA PHE C 14 -19.16 6.44 -36.19
C PHE C 14 -19.19 5.06 -35.53
N ASP C 15 -20.31 4.35 -35.69
CA ASP C 15 -20.43 2.99 -35.20
C ASP C 15 -19.32 2.13 -35.78
N LYS C 16 -18.99 2.39 -37.04
CA LYS C 16 -17.92 1.66 -37.71
C LYS C 16 -16.57 1.98 -37.11
N LEU C 17 -16.33 3.25 -36.79
CA LEU C 17 -15.10 3.63 -36.09
C LEU C 17 -14.97 2.86 -34.77
N SER C 18 -16.04 2.86 -33.99
CA SER C 18 -16.05 2.16 -32.71
C SER C 18 -15.77 0.67 -32.88
N ASP C 19 -16.42 0.05 -33.86
CA ASP C 19 -16.28 -1.38 -34.12
C ASP C 19 -14.85 -1.73 -34.54
N ASP C 20 -14.28 -0.91 -35.40
CA ASP C 20 -12.90 -1.08 -35.85
C ASP C 20 -11.94 -1.01 -34.66
N PHE C 21 -12.15 0.01 -33.82
CA PHE C 21 -11.33 0.21 -32.63
C PHE C 21 -11.40 -1.01 -31.73
N SER C 22 -12.62 -1.52 -31.55
CA SER C 22 -12.85 -2.70 -30.74
C SER C 22 -12.08 -3.91 -31.29
N ASN C 23 -12.11 -4.06 -32.62
CA ASN C 23 -11.37 -5.13 -33.28
C ASN C 23 -9.87 -5.06 -33.01
N ASP C 24 -9.30 -3.87 -33.21
CA ASP C 24 -7.88 -3.67 -32.96
C ASP C 24 -7.51 -4.01 -31.52
N ILE C 25 -8.34 -3.53 -30.59
CA ILE C 25 -8.13 -3.80 -29.17
C ILE C 25 -8.16 -5.31 -28.90
N ASN C 26 -9.09 -6.02 -29.55
CA ASN C 26 -9.20 -7.46 -29.39
C ASN C 26 -7.95 -8.19 -29.86
N ALA C 27 -7.41 -7.73 -31.00
CA ALA C 27 -6.16 -8.27 -31.51
C ALA C 27 -5.04 -8.12 -30.48
N THR C 28 -4.96 -6.91 -29.92
CA THR C 28 -4.00 -6.63 -28.85
C THR C 28 -4.17 -7.63 -27.70
N LYS C 29 -5.43 -7.88 -27.32
CA LYS C 29 -5.74 -8.81 -26.24
C LYS C 29 -5.14 -10.19 -26.52
N GLN C 30 -5.33 -10.67 -27.75
CA GLN C 30 -4.79 -11.98 -28.09
C GLN C 30 -3.26 -11.98 -27.99
N THR C 31 -2.64 -10.89 -28.44
CA THR C 31 -1.18 -10.76 -28.34
C THR C 31 -0.66 -10.85 -26.89
N ILE C 32 -1.24 -10.05 -26.01
CA ILE C 32 -0.83 -9.99 -24.60
C ILE C 32 -1.07 -11.33 -23.90
N LYS C 33 -2.21 -11.94 -24.23
CA LYS C 33 -2.53 -13.26 -23.71
C LYS C 33 -1.45 -14.26 -24.10
N ASP C 34 -1.02 -14.18 -25.36
CA ASP C 34 0.06 -15.02 -25.85
C ASP C 34 1.35 -14.76 -25.07
N LEU C 35 1.57 -13.50 -24.70
CA LEU C 35 2.71 -13.16 -23.85
C LEU C 35 2.67 -13.95 -22.55
N PHE C 36 1.55 -13.84 -21.83
CA PHE C 36 1.42 -14.56 -20.57
C PHE C 36 1.53 -16.09 -20.69
N LEU C 37 0.98 -16.67 -21.74
CA LEU C 37 1.09 -18.11 -21.93
C LEU C 37 2.55 -18.52 -22.17
N ASP C 38 3.22 -17.74 -23.00
CA ASP C 38 4.61 -18.00 -23.33
C ASP C 38 5.46 -17.90 -22.07
N ILE C 39 5.07 -17.03 -21.14
CA ILE C 39 5.79 -17.00 -19.88
C ILE C 39 5.41 -18.25 -19.06
N GLU C 40 4.12 -18.63 -19.09
CA GLU C 40 3.68 -19.86 -18.44
C GLU C 40 3.97 -21.07 -19.31
N ALA C 41 5.14 -21.08 -19.94
CA ALA C 41 5.58 -22.24 -20.70
C ALA C 41 7.01 -22.60 -20.30
N SER C 42 7.74 -21.60 -19.83
CA SER C 42 9.07 -21.80 -19.25
C SER C 42 9.00 -22.65 -17.99
N SER C 47 7.93 -24.42 -11.52
CA SER C 47 7.37 -23.58 -10.47
C SER C 47 5.89 -23.34 -10.67
N ASP C 48 5.08 -24.36 -10.40
CA ASP C 48 3.62 -24.29 -10.55
C ASP C 48 3.02 -23.10 -9.79
N ASP C 49 3.72 -22.65 -8.75
CA ASP C 49 3.32 -21.46 -8.00
C ASP C 49 3.29 -20.22 -8.89
N VAL C 50 4.42 -19.96 -9.55
CA VAL C 50 4.54 -18.82 -10.45
C VAL C 50 3.49 -18.86 -11.56
N VAL C 51 3.28 -20.04 -12.13
CA VAL C 51 2.29 -20.23 -13.18
C VAL C 51 0.89 -19.90 -12.69
N LYS C 52 0.52 -20.43 -11.53
CA LYS C 52 -0.80 -20.19 -10.97
C LYS C 52 -0.99 -18.71 -10.69
N LEU C 53 0.08 -18.04 -10.23
CA LEU C 53 0.03 -16.61 -9.96
C LEU C 53 -0.20 -15.82 -11.25
N LEU C 54 0.57 -16.17 -12.28
CA LEU C 54 0.51 -15.49 -13.56
C LEU C 54 -0.86 -15.66 -14.21
N SER C 55 -1.50 -16.80 -13.98
CA SER C 55 -2.86 -17.00 -14.49
C SER C 55 -3.82 -15.98 -13.87
N LYS C 56 -3.57 -15.63 -12.62
CA LYS C 56 -4.39 -14.62 -11.93
C LYS C 56 -4.01 -13.22 -12.40
N TYR C 57 -2.75 -13.04 -12.78
CA TYR C 57 -2.24 -11.78 -13.30
C TYR C 57 -2.71 -11.47 -14.72
N SER C 58 -2.96 -12.51 -15.50
CA SER C 58 -3.23 -12.37 -16.92
C SER C 58 -4.60 -11.76 -17.19
N PHE C 59 -5.49 -11.86 -16.22
CA PHE C 59 -6.86 -11.39 -16.40
C PHE C 59 -6.91 -9.86 -16.45
N VAL C 60 -6.05 -9.21 -15.67
CA VAL C 60 -6.13 -7.76 -15.47
C VAL C 60 -5.86 -6.92 -16.73
N PRO C 61 -4.79 -7.23 -17.50
CA PRO C 61 -4.61 -6.41 -18.71
C PRO C 61 -5.76 -6.51 -19.70
N GLU C 62 -6.38 -7.68 -19.78
CA GLU C 62 -7.54 -7.90 -20.64
C GLU C 62 -8.74 -7.06 -20.19
N GLU C 63 -8.89 -6.94 -18.87
CA GLU C 63 -9.96 -6.13 -18.29
C GLU C 63 -9.80 -4.66 -18.65
N LYS C 64 -8.55 -4.19 -18.60
CA LYS C 64 -8.21 -2.81 -18.91
C LYS C 64 -8.49 -2.45 -20.37
N LEU C 65 -8.29 -3.42 -21.27
CA LEU C 65 -8.50 -3.18 -22.68
C LEU C 65 -9.98 -3.16 -23.04
N ASN C 66 -10.78 -3.90 -22.28
CA ASN C 66 -12.22 -3.87 -22.44
C ASN C 66 -12.76 -2.52 -21.97
N ILE C 67 -12.07 -1.92 -21.00
CA ILE C 67 -12.44 -0.59 -20.53
C ILE C 67 -12.15 0.45 -21.61
N ILE C 68 -10.94 0.41 -22.17
CA ILE C 68 -10.55 1.31 -23.25
C ILE C 68 -11.53 1.23 -24.42
N ASP C 69 -11.89 0.00 -24.79
CA ASP C 69 -12.87 -0.24 -25.84
C ASP C 69 -14.21 0.39 -25.44
N GLY C 70 -14.60 0.18 -24.18
CA GLY C 70 -15.88 0.66 -23.70
C GLY C 70 -15.94 2.17 -23.55
N ILE C 71 -14.80 2.77 -23.20
CA ILE C 71 -14.74 4.22 -23.03
C ILE C 71 -15.01 4.94 -24.35
N LEU C 72 -14.41 4.45 -25.43
CA LEU C 72 -14.61 5.07 -26.74
C LEU C 72 -16.01 4.84 -27.29
N ARG C 73 -16.53 3.63 -27.14
CA ARG C 73 -17.86 3.33 -27.66
C ARG C 73 -18.90 4.17 -26.95
N SER C 74 -18.68 4.38 -25.65
CA SER C 74 -19.57 5.22 -24.85
C SER C 74 -19.47 6.68 -25.27
N PHE C 75 -18.26 7.10 -25.64
CA PHE C 75 -18.03 8.47 -26.09
C PHE C 75 -18.77 8.71 -27.40
N ILE C 76 -18.62 7.77 -28.33
CA ILE C 76 -19.27 7.87 -29.63
C ILE C 76 -20.80 7.91 -29.50
N GLU C 77 -21.34 7.03 -28.67
CA GLU C 77 -22.79 6.95 -28.49
C GLU C 77 -23.37 8.21 -27.88
N ASN C 78 -22.73 8.71 -26.84
CA ASN C 78 -23.25 9.89 -26.15
C ASN C 78 -23.04 11.20 -26.92
N ASN C 79 -22.25 11.14 -27.99
CA ASN C 79 -21.97 12.33 -28.79
C ASN C 79 -22.62 12.31 -30.18
N LYS C 80 -23.31 11.21 -30.51
CA LYS C 80 -23.97 11.10 -31.82
C LYS C 80 -24.97 12.21 -32.10
N THR C 81 -25.71 12.62 -31.08
CA THR C 81 -26.71 13.67 -31.24
C THR C 81 -26.04 14.99 -31.64
N HIS C 82 -24.93 15.32 -30.97
CA HIS C 82 -24.23 16.58 -31.25
C HIS C 82 -23.55 16.56 -32.60
N VAL C 83 -23.20 15.37 -33.08
CA VAL C 83 -22.40 15.25 -34.29
C VAL C 83 -23.28 15.26 -35.55
N ILE C 84 -24.42 14.58 -35.49
CA ILE C 84 -25.34 14.48 -36.62
C ILE C 84 -25.90 15.85 -36.98
N ASN C 85 -26.12 16.68 -35.96
CA ASN C 85 -26.74 17.98 -36.13
C ASN C 85 -25.69 19.08 -36.27
N SER C 86 -24.49 18.66 -36.64
CA SER C 86 -23.38 19.56 -36.90
C SER C 86 -23.12 19.57 -38.40
N SER C 87 -22.39 20.56 -38.88
CA SER C 87 -22.09 20.65 -40.31
C SER C 87 -21.16 19.51 -40.74
N ASN C 88 -21.16 19.21 -42.04
CA ASN C 88 -20.35 18.12 -42.56
C ASN C 88 -18.86 18.35 -42.37
N ALA C 89 -18.43 19.60 -42.48
CA ALA C 89 -17.04 19.95 -42.25
C ALA C 89 -16.67 19.57 -40.82
N TYR C 90 -17.49 20.04 -39.88
CA TYR C 90 -17.29 19.78 -38.47
C TYR C 90 -17.32 18.27 -38.19
N ILE C 91 -18.20 17.56 -38.89
CA ILE C 91 -18.33 16.11 -38.72
C ILE C 91 -17.04 15.41 -39.14
N TYR C 92 -16.53 15.75 -40.32
CA TYR C 92 -15.31 15.13 -40.84
C TYR C 92 -14.11 15.47 -39.97
N ILE C 93 -14.09 16.71 -39.48
CA ILE C 93 -13.02 17.16 -38.59
C ILE C 93 -13.05 16.34 -37.29
N GLN C 94 -14.24 16.20 -36.72
CA GLN C 94 -14.42 15.43 -35.50
C GLN C 94 -13.98 13.99 -35.69
N LYS C 95 -14.38 13.40 -36.82
CA LYS C 95 -13.98 12.05 -37.18
C LYS C 95 -12.46 11.95 -37.24
N GLU C 96 -11.84 12.96 -37.83
CA GLU C 96 -10.38 13.03 -37.90
C GLU C 96 -9.77 13.04 -36.49
N LYS C 97 -10.35 13.83 -35.60
CA LYS C 97 -9.87 13.92 -34.22
C LYS C 97 -9.96 12.58 -33.47
N ILE C 98 -11.12 11.94 -33.59
CA ILE C 98 -11.36 10.65 -32.95
C ILE C 98 -10.43 9.57 -33.52
N LYS C 99 -10.30 9.53 -34.84
CA LYS C 99 -9.38 8.60 -35.48
C LYS C 99 -7.95 8.82 -34.98
N ASN C 100 -7.58 10.08 -34.79
CA ASN C 100 -6.26 10.41 -34.27
C ASN C 100 -6.08 9.91 -32.84
N VAL C 101 -7.12 10.07 -32.02
CA VAL C 101 -7.10 9.58 -30.65
C VAL C 101 -6.94 8.05 -30.60
N CYS C 102 -7.76 7.36 -31.39
CA CYS C 102 -7.72 5.91 -31.47
C CYS C 102 -6.36 5.40 -31.90
N ASN C 103 -5.82 5.99 -32.97
CA ASN C 103 -4.51 5.60 -33.47
C ASN C 103 -3.42 5.90 -32.45
N PHE C 104 -3.57 6.99 -31.70
CA PHE C 104 -2.66 7.30 -30.61
C PHE C 104 -2.63 6.16 -29.59
N ILE C 105 -3.82 5.79 -29.12
CA ILE C 105 -3.96 4.71 -28.15
C ILE C 105 -3.35 3.41 -28.69
N LEU C 106 -3.67 3.07 -29.94
CA LEU C 106 -3.18 1.83 -30.55
C LEU C 106 -1.65 1.83 -30.66
N LYS C 107 -1.09 2.99 -30.97
CA LYS C 107 0.36 3.13 -31.06
C LYS C 107 1.01 2.89 -29.70
N LYS C 108 0.48 3.56 -28.68
CA LYS C 108 1.00 3.38 -27.32
C LYS C 108 0.87 1.91 -26.88
N LEU C 109 -0.26 1.29 -27.22
CA LEU C 109 -0.47 -0.12 -26.93
C LEU C 109 0.58 -1.01 -27.58
N ASN C 110 0.87 -0.75 -28.85
CA ASN C 110 1.88 -1.55 -29.56
C ASN C 110 3.28 -1.35 -28.96
N SER C 111 3.59 -0.12 -28.58
CA SER C 111 4.85 0.16 -27.87
C SER C 111 4.93 -0.65 -26.59
N LEU C 112 3.84 -0.64 -25.83
CA LEU C 112 3.72 -1.39 -24.58
C LEU C 112 3.93 -2.89 -24.81
N ILE C 113 3.35 -3.38 -25.90
CA ILE C 113 3.49 -4.77 -26.28
C ILE C 113 4.95 -5.11 -26.56
N GLN C 114 5.64 -4.25 -27.30
CA GLN C 114 7.05 -4.48 -27.58
C GLN C 114 7.88 -4.53 -26.30
N ILE C 115 7.74 -3.49 -25.50
CA ILE C 115 8.41 -3.39 -24.20
C ILE C 115 8.22 -4.66 -23.36
N ASN C 116 6.98 -5.10 -23.20
CA ASN C 116 6.69 -6.23 -22.35
C ASN C 116 6.94 -7.60 -23.02
N GLU C 117 7.16 -7.58 -24.34
CA GLU C 117 7.56 -8.79 -25.05
C GLU C 117 9.03 -9.03 -24.70
N LEU C 118 9.78 -7.93 -24.76
CA LEU C 118 11.17 -7.95 -24.34
C LEU C 118 11.27 -8.28 -22.83
N ASN C 119 10.34 -7.75 -22.04
CA ASN C 119 10.27 -8.10 -20.61
C ASN C 119 10.05 -9.59 -20.40
N LYS C 120 9.18 -10.16 -21.24
CA LYS C 120 8.93 -11.60 -21.20
C LYS C 120 10.22 -12.37 -21.47
N SER C 121 10.91 -11.98 -22.54
CA SER C 121 12.19 -12.62 -22.88
C SER C 121 13.20 -12.54 -21.73
N HIS C 122 13.32 -11.36 -21.14
CA HIS C 122 14.24 -11.12 -20.01
C HIS C 122 13.92 -12.06 -18.85
N ILE C 123 12.62 -12.19 -18.56
CA ILE C 123 12.14 -13.04 -17.47
C ILE C 123 12.47 -14.51 -17.74
N ILE C 124 12.17 -14.97 -18.95
CA ILE C 124 12.45 -16.36 -19.33
C ILE C 124 13.94 -16.67 -19.23
N LEU C 125 14.78 -15.74 -19.71
CA LEU C 125 16.22 -15.93 -19.68
C LEU C 125 16.78 -16.01 -18.27
N LYS C 126 16.46 -15.01 -17.45
CA LYS C 126 17.07 -14.92 -16.12
C LYS C 126 16.71 -16.12 -15.26
N TYR C 127 15.51 -16.66 -15.47
CA TYR C 127 15.02 -17.77 -14.65
C TYR C 127 14.68 -18.99 -15.52
N LYS C 134 13.87 -21.65 -23.69
CA LYS C 134 15.08 -20.83 -23.77
C LYS C 134 15.72 -20.92 -25.16
N GLY C 135 14.92 -21.28 -26.16
CA GLY C 135 15.33 -21.08 -27.55
C GLY C 135 14.97 -19.67 -27.94
N VAL C 136 14.91 -18.80 -26.93
CA VAL C 136 14.68 -17.38 -27.08
C VAL C 136 16.01 -16.67 -27.31
N LEU C 137 17.10 -17.33 -26.90
CA LEU C 137 18.45 -16.84 -27.16
C LEU C 137 18.65 -16.61 -28.66
N GLU C 138 17.97 -17.40 -29.47
CA GLU C 138 18.05 -17.28 -30.91
C GLU C 138 17.27 -16.04 -31.36
N SER C 139 16.22 -15.72 -30.62
CA SER C 139 15.42 -14.53 -30.91
C SER C 139 16.11 -13.25 -30.42
N ILE C 140 16.83 -13.35 -29.31
CA ILE C 140 17.55 -12.21 -28.76
C ILE C 140 18.75 -11.85 -29.63
N LYS C 141 19.48 -12.86 -30.11
CA LYS C 141 20.62 -12.61 -30.98
C LYS C 141 20.15 -11.93 -32.25
N ASN C 142 18.94 -12.27 -32.68
CA ASN C 142 18.34 -11.67 -33.85
C ASN C 142 17.45 -10.49 -33.47
N ASN C 143 18.08 -9.38 -33.06
CA ASN C 143 17.33 -8.19 -32.68
C ASN C 143 18.22 -6.96 -32.82
N ASP C 144 17.90 -6.12 -33.80
CA ASP C 144 18.65 -4.90 -34.05
C ASP C 144 17.97 -3.71 -33.40
N ASP C 145 16.85 -3.98 -32.74
CA ASP C 145 16.04 -2.93 -32.13
C ASP C 145 16.46 -2.69 -30.68
N ILE C 146 17.16 -3.66 -30.11
CA ILE C 146 17.68 -3.53 -28.75
C ILE C 146 19.12 -3.03 -28.78
N SER C 147 19.55 -2.43 -27.68
CA SER C 147 20.92 -1.97 -27.57
C SER C 147 21.86 -3.16 -27.59
N LYS C 148 23.11 -2.94 -27.95
CA LYS C 148 24.09 -4.00 -27.94
C LYS C 148 24.46 -4.30 -26.50
N ASN C 149 24.37 -3.27 -25.66
CA ASN C 149 24.64 -3.38 -24.22
C ASN C 149 23.71 -4.38 -23.55
N LEU C 150 22.41 -4.15 -23.73
CA LEU C 150 21.40 -5.03 -23.17
C LEU C 150 21.58 -6.43 -23.73
N LYS C 151 21.87 -6.50 -25.02
CA LYS C 151 22.07 -7.77 -25.70
C LYS C 151 23.19 -8.60 -25.07
N SER C 152 24.31 -7.94 -24.81
CA SER C 152 25.46 -8.57 -24.16
C SER C 152 25.09 -9.01 -22.75
N GLU C 153 24.46 -8.11 -21.99
CA GLU C 153 24.06 -8.41 -20.62
C GLU C 153 23.03 -9.54 -20.53
N LEU C 154 22.26 -9.75 -21.60
CA LEU C 154 21.23 -10.78 -21.61
C LEU C 154 21.75 -12.14 -22.07
N LEU C 155 22.68 -12.13 -23.03
CA LEU C 155 23.16 -13.39 -23.60
C LEU C 155 24.11 -14.14 -22.66
N LYS C 156 24.38 -13.53 -21.50
CA LYS C 156 25.23 -14.15 -20.48
C LYS C 156 24.50 -15.28 -19.73
N TYR C 157 23.19 -15.38 -19.89
CA TYR C 157 22.42 -16.45 -19.26
C TYR C 157 22.47 -17.74 -20.08
N GLU C 169 12.12 -14.25 -4.88
CA GLU C 169 13.15 -13.72 -5.77
C GLU C 169 12.62 -13.54 -7.19
N LEU C 170 11.85 -14.53 -7.66
CA LEU C 170 11.22 -14.46 -8.97
C LEU C 170 10.11 -13.41 -8.94
N ILE C 171 9.29 -13.48 -7.90
CA ILE C 171 8.23 -12.53 -7.65
C ILE C 171 8.85 -11.15 -7.47
N ASN C 172 9.95 -11.11 -6.74
CA ASN C 172 10.65 -9.86 -6.45
C ASN C 172 11.15 -9.19 -7.72
N PHE C 173 11.33 -9.99 -8.76
CA PHE C 173 11.80 -9.51 -10.06
C PHE C 173 10.65 -9.08 -10.96
N ILE C 174 9.59 -9.89 -10.99
CA ILE C 174 8.48 -9.65 -11.92
C ILE C 174 7.38 -8.71 -11.41
N THR C 175 7.34 -8.46 -10.11
CA THR C 175 6.31 -7.59 -9.55
C THR C 175 6.42 -6.15 -10.10
N PRO C 176 7.65 -5.57 -10.12
CA PRO C 176 7.71 -4.22 -10.71
C PRO C 176 7.36 -4.17 -12.20
N ILE C 177 7.75 -5.19 -12.96
CA ILE C 177 7.46 -5.23 -14.40
C ILE C 177 5.96 -5.29 -14.66
N TYR C 178 5.28 -6.17 -13.94
CA TYR C 178 3.84 -6.34 -14.10
C TYR C 178 3.10 -5.10 -13.61
N ASP C 179 3.52 -4.56 -12.47
CA ASP C 179 2.90 -3.38 -11.90
C ASP C 179 3.07 -2.17 -12.82
N ASP C 180 4.21 -2.12 -13.52
CA ASP C 180 4.47 -1.05 -14.47
C ASP C 180 3.58 -1.23 -15.69
N PHE C 181 3.29 -2.49 -16.04
CA PHE C 181 2.43 -2.82 -17.17
C PHE C 181 1.00 -2.38 -16.91
N ILE C 182 0.46 -2.77 -15.76
CA ILE C 182 -0.90 -2.40 -15.41
C ILE C 182 -1.01 -0.90 -15.19
N LYS C 183 0.05 -0.29 -14.66
CA LYS C 183 0.07 1.15 -14.46
C LYS C 183 0.01 1.87 -15.79
N ASN C 184 0.76 1.35 -16.76
CA ASN C 184 0.81 1.94 -18.09
C ASN C 184 -0.54 1.86 -18.79
N LEU C 185 -1.25 0.76 -18.58
CA LEU C 185 -2.59 0.61 -19.14
C LEU C 185 -3.58 1.53 -18.42
N THR C 186 -3.34 1.74 -17.13
CA THR C 186 -4.22 2.57 -16.33
C THR C 186 -4.06 4.04 -16.73
N ASP C 187 -2.82 4.44 -17.00
CA ASP C 187 -2.56 5.80 -17.44
C ASP C 187 -3.03 5.97 -18.88
N LEU C 188 -3.04 4.87 -19.62
CA LEU C 188 -3.49 4.87 -21.00
C LEU C 188 -5.00 5.09 -21.02
N ILE C 189 -5.68 4.46 -20.07
CA ILE C 189 -7.11 4.67 -19.88
C ILE C 189 -7.37 6.13 -19.52
N ASN C 190 -6.47 6.69 -18.71
CA ASN C 190 -6.60 8.06 -18.28
C ASN C 190 -6.30 9.03 -19.43
N ASP C 191 -5.31 8.70 -20.26
CA ASP C 191 -4.97 9.55 -21.39
C ASP C 191 -6.13 9.64 -22.36
N LEU C 192 -6.80 8.51 -22.56
CA LEU C 192 -7.94 8.43 -23.47
C LEU C 192 -9.10 9.29 -23.01
N GLN C 193 -9.39 9.24 -21.71
CA GLN C 193 -10.49 9.98 -21.12
C GLN C 193 -10.22 11.48 -21.21
N ILE C 194 -8.95 11.85 -21.19
CA ILE C 194 -8.56 13.25 -21.30
C ILE C 194 -8.68 13.72 -22.74
N LYS C 195 -8.14 12.94 -23.68
CA LYS C 195 -8.12 13.34 -25.09
C LYS C 195 -9.50 13.40 -25.72
N LEU C 196 -10.40 12.50 -25.31
CA LEU C 196 -11.74 12.49 -25.85
C LEU C 196 -12.54 13.68 -25.31
N LYS C 197 -12.27 14.02 -24.06
CA LYS C 197 -12.93 15.16 -23.41
C LYS C 197 -12.50 16.46 -24.06
N ASN C 198 -11.24 16.49 -24.51
CA ASN C 198 -10.65 17.66 -25.17
C ASN C 198 -11.20 17.94 -26.57
N ILE C 199 -12.02 17.04 -27.09
CA ILE C 199 -12.61 17.19 -28.43
C ILE C 199 -14.13 17.03 -28.41
N LYS D 7 -3.59 11.58 -6.67
CA LYS D 7 -3.64 10.39 -7.52
C LYS D 7 -3.09 9.17 -6.78
N ASN D 8 -3.63 8.00 -7.08
CA ASN D 8 -3.27 6.81 -6.32
C ASN D 8 -1.91 6.24 -6.71
N ASN D 9 -1.11 7.02 -7.44
CA ASN D 9 0.23 6.59 -7.79
C ASN D 9 1.28 7.14 -6.82
N ILE D 10 0.88 8.10 -5.99
CA ILE D 10 1.76 8.55 -4.92
C ILE D 10 1.96 7.48 -3.87
N ILE D 11 0.86 6.90 -3.43
CA ILE D 11 0.88 5.83 -2.45
C ILE D 11 1.65 4.64 -3.01
N GLU D 12 1.52 4.43 -4.31
CA GLU D 12 2.20 3.31 -4.96
C GLU D 12 3.70 3.53 -5.14
N GLU D 13 4.11 4.76 -5.44
CA GLU D 13 5.54 5.03 -5.59
C GLU D 13 6.25 5.00 -4.23
N PHE D 14 5.59 5.53 -3.20
CA PHE D 14 6.17 5.45 -1.87
C PHE D 14 6.23 3.98 -1.40
N ASP D 15 5.13 3.26 -1.65
CA ASP D 15 5.11 1.82 -1.36
C ASP D 15 6.26 1.09 -2.06
N LYS D 16 6.55 1.49 -3.30
CA LYS D 16 7.63 0.86 -4.05
C LYS D 16 8.98 1.17 -3.42
N LEU D 17 9.14 2.39 -2.93
CA LEU D 17 10.35 2.75 -2.21
C LEU D 17 10.56 1.77 -1.04
N SER D 18 9.50 1.63 -0.24
CA SER D 18 9.55 0.75 0.93
C SER D 18 9.87 -0.70 0.55
N ASP D 19 9.20 -1.21 -0.47
CA ASP D 19 9.37 -2.59 -0.91
C ASP D 19 10.77 -2.87 -1.43
N ASP D 20 11.29 -1.95 -2.25
CA ASP D 20 12.65 -2.10 -2.78
C ASP D 20 13.65 -2.15 -1.63
N PHE D 21 13.48 -1.21 -0.69
CA PHE D 21 14.36 -1.18 0.48
C PHE D 21 14.30 -2.51 1.24
N SER D 22 13.09 -3.01 1.45
CA SER D 22 12.91 -4.28 2.16
C SER D 22 13.62 -5.43 1.44
N ASN D 23 13.51 -5.45 0.11
CA ASN D 23 14.19 -6.47 -0.68
C ASN D 23 15.71 -6.40 -0.49
N ASP D 24 16.29 -5.21 -0.61
CA ASP D 24 17.72 -5.05 -0.43
C ASP D 24 18.17 -5.51 0.96
N ILE D 25 17.38 -5.13 1.97
CA ILE D 25 17.68 -5.53 3.35
C ILE D 25 17.66 -7.05 3.48
N ASN D 26 16.69 -7.69 2.85
CA ASN D 26 16.59 -9.15 2.87
C ASN D 26 17.78 -9.83 2.19
N ALA D 27 18.22 -9.29 1.06
CA ALA D 27 19.41 -9.80 0.41
C ALA D 27 20.61 -9.72 1.35
N THR D 28 20.76 -8.56 1.99
CA THR D 28 21.82 -8.37 2.98
C THR D 28 21.75 -9.43 4.09
N LYS D 29 20.53 -9.69 4.56
CA LYS D 29 20.32 -10.70 5.59
C LYS D 29 20.81 -12.06 5.13
N GLN D 30 20.47 -12.41 3.90
CA GLN D 30 20.93 -13.68 3.32
C GLN D 30 22.45 -13.74 3.31
N THR D 31 23.08 -12.61 2.95
CA THR D 31 24.55 -12.53 2.94
C THR D 31 25.15 -12.80 4.32
N ILE D 32 24.65 -12.12 5.35
CA ILE D 32 25.17 -12.29 6.70
C ILE D 32 24.94 -13.70 7.26
N LYS D 33 23.75 -14.24 6.98
CA LYS D 33 23.45 -15.61 7.37
C LYS D 33 24.45 -16.55 6.72
N ASP D 34 24.76 -16.29 5.45
CA ASP D 34 25.77 -17.06 4.73
C ASP D 34 27.14 -16.95 5.39
N LEU D 35 27.47 -15.77 5.90
CA LEU D 35 28.71 -15.58 6.65
C LEU D 35 28.76 -16.54 7.84
N PHE D 36 27.73 -16.46 8.68
CA PHE D 36 27.65 -17.28 9.88
C PHE D 36 27.69 -18.78 9.57
N LEU D 37 27.02 -19.17 8.49
CA LEU D 37 27.04 -20.57 8.06
C LEU D 37 28.43 -21.01 7.61
N ASP D 38 29.10 -20.14 6.86
CA ASP D 38 30.44 -20.43 6.35
C ASP D 38 31.43 -20.58 7.50
N ILE D 39 31.21 -19.84 8.58
CA ILE D 39 32.06 -20.03 9.76
C ILE D 39 31.73 -21.38 10.44
N GLU D 40 30.45 -21.78 10.43
CA GLU D 40 30.09 -23.10 10.95
C GLU D 40 30.44 -24.21 9.97
N ALA D 41 31.65 -24.15 9.42
CA ALA D 41 32.15 -25.21 8.57
C ALA D 41 33.57 -25.50 9.01
N SER D 42 33.80 -25.28 10.30
CA SER D 42 35.15 -25.31 10.85
C SER D 42 35.14 -25.80 12.30
N VAL D 51 30.94 -23.92 16.55
CA VAL D 51 30.47 -24.18 17.90
C VAL D 51 29.01 -23.73 18.04
N LYS D 52 28.32 -24.27 19.03
CA LYS D 52 26.91 -23.96 19.26
C LYS D 52 26.65 -22.49 19.61
N LEU D 53 27.63 -21.86 20.24
CA LEU D 53 27.48 -20.50 20.76
C LEU D 53 27.04 -19.45 19.73
N LEU D 54 27.69 -19.40 18.58
CA LEU D 54 27.33 -18.39 17.59
C LEU D 54 25.93 -18.61 17.03
N SER D 55 25.33 -19.77 17.29
CA SER D 55 23.96 -20.01 16.85
C SER D 55 23.06 -18.97 17.49
N LYS D 56 23.41 -18.54 18.70
CA LYS D 56 22.72 -17.42 19.31
C LYS D 56 23.15 -16.11 18.64
N TYR D 57 24.46 -15.93 18.52
CA TYR D 57 25.04 -14.71 17.97
C TYR D 57 24.46 -14.33 16.61
N SER D 58 24.10 -15.34 15.82
CA SER D 58 23.69 -15.12 14.45
C SER D 58 22.31 -14.50 14.35
N PHE D 59 21.50 -14.67 15.39
CA PHE D 59 20.13 -14.19 15.34
C PHE D 59 20.06 -12.67 15.39
N VAL D 60 20.97 -12.07 16.14
CA VAL D 60 20.93 -10.64 16.45
C VAL D 60 21.09 -9.69 15.26
N PRO D 61 22.09 -9.92 14.38
CA PRO D 61 22.20 -8.99 13.25
C PRO D 61 20.95 -8.96 12.37
N GLU D 62 20.26 -10.10 12.26
CA GLU D 62 18.99 -10.16 11.52
C GLU D 62 17.92 -9.32 12.18
N GLU D 63 17.90 -9.34 13.51
CA GLU D 63 16.93 -8.57 14.27
C GLU D 63 17.16 -7.09 14.03
N LYS D 64 18.43 -6.70 13.98
CA LYS D 64 18.78 -5.31 13.76
C LYS D 64 18.40 -4.87 12.35
N LEU D 65 18.51 -5.79 11.39
CA LEU D 65 18.18 -5.49 10.01
C LEU D 65 16.67 -5.47 9.77
N ASN D 66 15.93 -6.27 10.53
CA ASN D 66 14.47 -6.24 10.44
C ASN D 66 13.93 -4.94 11.04
N ILE D 67 14.67 -4.40 12.00
CA ILE D 67 14.34 -3.10 12.60
C ILE D 67 14.54 -1.98 11.58
N ILE D 68 15.68 -1.99 10.89
CA ILE D 68 15.97 -0.99 9.85
C ILE D 68 14.85 -0.97 8.81
N ASP D 69 14.46 -2.16 8.37
CA ASP D 69 13.38 -2.32 7.41
C ASP D 69 12.05 -1.77 7.96
N GLY D 70 11.77 -2.07 9.22
CA GLY D 70 10.52 -1.66 9.82
C GLY D 70 10.41 -0.18 10.10
N ILE D 71 11.55 0.43 10.44
CA ILE D 71 11.58 1.86 10.72
C ILE D 71 11.20 2.65 9.47
N LEU D 72 11.73 2.23 8.33
CA LEU D 72 11.46 2.94 7.08
C LEU D 72 10.02 2.72 6.61
N ARG D 73 9.52 1.50 6.73
CA ARG D 73 8.17 1.20 6.28
C ARG D 73 7.12 1.95 7.09
N SER D 74 7.34 2.03 8.40
CA SER D 74 6.46 2.81 9.28
C SER D 74 6.54 4.29 8.94
N PHE D 75 7.69 4.72 8.42
CA PHE D 75 7.85 6.11 8.02
C PHE D 75 7.04 6.41 6.76
N ILE D 76 7.14 5.53 5.77
CA ILE D 76 6.42 5.70 4.52
C ILE D 76 4.92 5.69 4.79
N GLU D 77 4.49 4.76 5.63
CA GLU D 77 3.08 4.60 5.96
C GLU D 77 2.52 5.81 6.68
N ASN D 78 3.24 6.31 7.69
CA ASN D 78 2.77 7.44 8.48
C ASN D 78 2.89 8.77 7.73
N ASN D 79 3.58 8.76 6.60
CA ASN D 79 3.78 9.99 5.84
C ASN D 79 2.96 10.08 4.56
N LYS D 80 2.29 8.99 4.19
CA LYS D 80 1.39 9.01 3.05
C LYS D 80 0.28 10.03 3.32
N THR D 81 -0.10 10.13 4.59
CA THR D 81 -1.14 11.06 5.03
C THR D 81 -0.76 12.49 4.74
N HIS D 82 0.48 12.85 5.07
CA HIS D 82 0.98 14.20 4.86
C HIS D 82 1.26 14.51 3.39
N VAL D 83 1.51 13.45 2.63
CA VAL D 83 2.02 13.60 1.27
C VAL D 83 0.94 13.76 0.20
N ILE D 84 -0.19 13.06 0.35
CA ILE D 84 -1.24 13.08 -0.67
C ILE D 84 -1.81 14.46 -0.97
N ASN D 85 -2.04 15.26 0.08
CA ASN D 85 -2.63 16.57 -0.09
C ASN D 85 -1.57 17.69 -0.05
N SER D 86 -0.34 17.33 -0.40
CA SER D 86 0.78 18.27 -0.44
C SER D 86 1.11 18.58 -1.90
N SER D 87 1.88 19.64 -2.12
CA SER D 87 2.23 20.07 -3.47
C SER D 87 3.16 19.08 -4.18
N ASN D 88 3.20 19.14 -5.50
CA ASN D 88 4.03 18.24 -6.30
C ASN D 88 5.53 18.39 -6.03
N ALA D 89 5.96 19.63 -5.81
CA ALA D 89 7.36 19.91 -5.54
C ALA D 89 7.81 19.18 -4.28
N TYR D 90 7.03 19.35 -3.21
CA TYR D 90 7.32 18.71 -1.94
C TYR D 90 7.34 17.19 -2.11
N ILE D 91 6.43 16.67 -2.93
CA ILE D 91 6.33 15.23 -3.17
C ILE D 91 7.60 14.70 -3.85
N TYR D 92 8.02 15.35 -4.92
CA TYR D 92 9.21 14.91 -5.67
C TYR D 92 10.46 15.00 -4.83
N ILE D 93 10.59 16.11 -4.10
CA ILE D 93 11.74 16.32 -3.23
C ILE D 93 11.79 15.30 -2.09
N GLN D 94 10.66 15.09 -1.44
CA GLN D 94 10.53 14.15 -0.34
C GLN D 94 10.91 12.74 -0.81
N LYS D 95 10.40 12.39 -1.98
CA LYS D 95 10.68 11.09 -2.59
C LYS D 95 12.18 10.91 -2.83
N GLU D 96 12.82 11.93 -3.39
CA GLU D 96 14.26 11.90 -3.61
C GLU D 96 15.06 11.76 -2.31
N LYS D 97 14.65 12.51 -1.28
CA LYS D 97 15.31 12.46 0.02
C LYS D 97 15.24 11.07 0.62
N ILE D 98 14.07 10.45 0.53
CA ILE D 98 13.89 9.09 1.03
C ILE D 98 14.81 8.12 0.26
N LYS D 99 14.87 8.30 -1.06
CA LYS D 99 15.79 7.49 -1.87
C LYS D 99 17.24 7.64 -1.38
N ASN D 100 17.62 8.87 -1.04
CA ASN D 100 18.97 9.16 -0.57
C ASN D 100 19.28 8.52 0.77
N VAL D 101 18.33 8.59 1.71
CA VAL D 101 18.50 7.98 3.02
C VAL D 101 18.68 6.46 2.87
N CYS D 102 17.81 5.85 2.06
CA CYS D 102 17.89 4.42 1.80
C CYS D 102 19.25 4.02 1.20
N ASN D 103 19.71 4.78 0.21
CA ASN D 103 21.00 4.49 -0.41
C ASN D 103 22.15 4.61 0.60
N PHE D 104 22.04 5.61 1.48
CA PHE D 104 23.01 5.79 2.56
C PHE D 104 23.10 4.53 3.42
N ILE D 105 21.95 4.10 3.91
CA ILE D 105 21.88 2.91 4.76
C ILE D 105 22.49 1.69 4.05
N LEU D 106 22.08 1.46 2.80
CA LEU D 106 22.56 0.29 2.06
C LEU D 106 24.07 0.34 1.82
N LYS D 107 24.60 1.53 1.56
CA LYS D 107 26.03 1.71 1.36
C LYS D 107 26.78 1.32 2.64
N LYS D 108 26.34 1.86 3.77
CA LYS D 108 26.93 1.51 5.05
C LYS D 108 26.88 0.00 5.29
N LEU D 109 25.75 -0.61 4.95
CA LEU D 109 25.57 -2.05 5.11
C LEU D 109 26.55 -2.87 4.27
N ASN D 110 26.73 -2.49 3.01
CA ASN D 110 27.65 -3.22 2.14
C ASN D 110 29.08 -3.13 2.65
N SER D 111 29.46 -1.92 3.11
CA SER D 111 30.77 -1.75 3.73
C SER D 111 30.94 -2.69 4.92
N LEU D 112 29.93 -2.71 5.78
CA LEU D 112 29.92 -3.59 6.95
C LEU D 112 30.06 -5.07 6.58
N ILE D 113 29.36 -5.47 5.52
CA ILE D 113 29.42 -6.84 5.03
C ILE D 113 30.81 -7.23 4.56
N GLN D 114 31.44 -6.37 3.78
CA GLN D 114 32.81 -6.64 3.35
C GLN D 114 33.76 -6.76 4.55
N ILE D 115 33.70 -5.78 5.44
CA ILE D 115 34.49 -5.81 6.67
C ILE D 115 34.35 -7.15 7.40
N ASN D 116 33.10 -7.58 7.62
CA ASN D 116 32.86 -8.78 8.40
C ASN D 116 33.09 -10.08 7.61
N GLU D 117 33.25 -9.96 6.31
CA GLU D 117 33.71 -11.10 5.52
C GLU D 117 35.21 -11.26 5.75
N LEU D 118 35.92 -10.14 5.76
CA LEU D 118 37.34 -10.23 6.11
C LEU D 118 37.48 -10.76 7.54
N ASN D 119 36.57 -10.35 8.43
CA ASN D 119 36.55 -10.90 9.79
C ASN D 119 36.30 -12.40 9.80
N LYS D 120 35.39 -12.85 8.93
CA LYS D 120 35.09 -14.27 8.78
C LYS D 120 36.31 -15.06 8.34
N SER D 121 36.98 -14.57 7.29
CA SER D 121 38.19 -15.19 6.79
C SER D 121 39.25 -15.25 7.90
N HIS D 122 39.40 -14.14 8.63
CA HIS D 122 40.35 -14.08 9.73
C HIS D 122 40.05 -15.13 10.80
N ILE D 123 38.79 -15.28 11.15
CA ILE D 123 38.37 -16.24 12.17
C ILE D 123 38.62 -17.67 11.72
N ILE D 124 38.15 -17.99 10.51
CA ILE D 124 38.32 -19.33 9.95
C ILE D 124 39.79 -19.71 9.87
N LEU D 125 40.62 -18.76 9.41
CA LEU D 125 42.06 -19.01 9.31
C LEU D 125 42.70 -19.22 10.68
N LYS D 126 42.46 -18.29 11.61
CA LYS D 126 43.14 -18.33 12.90
C LYS D 126 42.82 -19.59 13.71
N TYR D 127 41.60 -20.10 13.59
CA TYR D 127 41.20 -21.25 14.39
C TYR D 127 40.74 -22.44 13.54
N GLY D 128 39.56 -22.32 12.95
CA GLY D 128 38.97 -23.40 12.19
C GLY D 128 39.88 -24.07 11.17
N LYS D 129 39.55 -25.30 10.81
CA LYS D 129 40.35 -26.06 9.86
C LYS D 129 39.46 -26.92 8.98
N GLY D 130 38.99 -26.34 7.88
CA GLY D 130 38.12 -27.01 6.92
C GLY D 130 38.49 -28.45 6.59
N GLU D 131 39.56 -28.64 5.82
CA GLU D 131 40.33 -27.54 5.26
C GLU D 131 39.76 -27.13 3.91
N ALA D 132 38.67 -27.77 3.52
CA ALA D 132 37.95 -27.41 2.30
C ALA D 132 37.28 -26.06 2.53
N LYS D 133 36.92 -25.79 3.78
CA LYS D 133 36.42 -24.48 4.18
C LYS D 133 37.59 -23.55 4.45
N LYS D 134 38.74 -24.13 4.83
CA LYS D 134 39.96 -23.36 5.00
C LYS D 134 40.59 -23.24 3.61
N GLY D 135 39.71 -23.39 2.62
CA GLY D 135 39.95 -23.00 1.25
C GLY D 135 39.63 -21.52 1.16
N VAL D 136 39.83 -20.80 2.27
CA VAL D 136 39.75 -19.35 2.31
C VAL D 136 41.16 -18.80 1.99
N LEU D 137 42.19 -19.62 2.20
CA LEU D 137 43.57 -19.24 1.91
C LEU D 137 43.81 -18.83 0.46
N GLU D 138 43.09 -19.42 -0.49
CA GLU D 138 43.23 -19.03 -1.89
C GLU D 138 42.50 -17.71 -2.14
N SER D 139 41.44 -17.47 -1.37
CA SER D 139 40.68 -16.24 -1.51
C SER D 139 41.48 -15.09 -0.94
N ILE D 140 42.22 -15.38 0.13
CA ILE D 140 43.09 -14.39 0.75
C ILE D 140 44.32 -14.15 -0.13
N LYS D 141 44.87 -15.22 -0.69
CA LYS D 141 46.05 -15.14 -1.53
C LYS D 141 45.82 -14.28 -2.76
N ASN D 142 44.69 -14.50 -3.43
CA ASN D 142 44.36 -13.74 -4.64
C ASN D 142 43.64 -12.44 -4.30
N ASN D 143 43.73 -12.00 -3.05
CA ASN D 143 43.11 -10.76 -2.62
C ASN D 143 44.06 -9.57 -2.78
N ASP D 144 43.67 -8.63 -3.64
CA ASP D 144 44.50 -7.45 -3.91
C ASP D 144 43.92 -6.20 -3.24
N ASP D 145 42.95 -6.38 -2.36
CA ASP D 145 42.26 -5.25 -1.74
C ASP D 145 42.68 -5.02 -0.28
N ILE D 146 43.32 -6.02 0.32
CA ILE D 146 43.82 -5.93 1.69
C ILE D 146 45.29 -5.55 1.70
N SER D 147 45.76 -5.03 2.83
CA SER D 147 47.16 -4.66 2.98
C SER D 147 48.07 -5.89 2.88
N LYS D 148 49.35 -5.66 2.54
CA LYS D 148 50.31 -6.75 2.44
C LYS D 148 50.72 -7.27 3.81
N ASN D 149 50.72 -6.37 4.78
CA ASN D 149 51.02 -6.67 6.17
C ASN D 149 50.05 -7.69 6.76
N LEU D 150 48.77 -7.37 6.63
CA LEU D 150 47.70 -8.27 7.09
C LEU D 150 47.80 -9.61 6.37
N LYS D 151 48.03 -9.54 5.06
CA LYS D 151 48.16 -10.73 4.23
C LYS D 151 49.27 -11.64 4.77
N SER D 152 50.38 -11.00 5.10
CA SER D 152 51.54 -11.68 5.66
C SER D 152 51.17 -12.35 6.98
N GLU D 153 50.52 -11.59 7.86
CA GLU D 153 50.09 -12.11 9.15
C GLU D 153 49.08 -13.25 9.06
N LEU D 154 48.31 -13.28 7.98
CA LEU D 154 47.27 -14.30 7.82
C LEU D 154 47.84 -15.57 7.21
N LEU D 155 48.83 -15.43 6.34
CA LEU D 155 49.38 -16.60 5.65
C LEU D 155 50.22 -17.45 6.59
N LYS D 156 50.44 -16.97 7.81
CA LYS D 156 51.18 -17.72 8.81
C LYS D 156 50.35 -18.85 9.42
N TYR D 157 49.03 -18.79 9.24
CA TYR D 157 48.16 -19.82 9.77
C TYR D 157 48.09 -21.02 8.84
N VAL D 167 38.19 -23.37 23.97
CA VAL D 167 37.00 -22.66 23.50
C VAL D 167 37.00 -21.22 24.01
N SER D 168 37.42 -21.02 25.26
CA SER D 168 37.41 -19.71 25.89
C SER D 168 38.31 -18.74 25.11
N GLU D 169 39.30 -19.32 24.44
CA GLU D 169 40.24 -18.57 23.65
C GLU D 169 39.57 -17.97 22.41
N LEU D 170 38.70 -18.76 21.79
CA LEU D 170 37.95 -18.31 20.63
C LEU D 170 36.95 -17.23 21.04
N ILE D 171 36.29 -17.42 22.19
CA ILE D 171 35.40 -16.38 22.72
C ILE D 171 36.17 -15.07 22.91
N ASN D 172 37.35 -15.18 23.51
CA ASN D 172 38.18 -14.00 23.74
C ASN D 172 38.60 -13.36 22.41
N PHE D 173 38.59 -14.13 21.32
CA PHE D 173 38.97 -13.55 20.03
C PHE D 173 37.79 -12.93 19.27
N ILE D 174 36.64 -13.59 19.26
CA ILE D 174 35.50 -13.14 18.46
C ILE D 174 34.57 -12.16 19.20
N THR D 175 34.72 -12.05 20.52
CA THR D 175 33.86 -11.13 21.27
C THR D 175 33.99 -9.67 20.81
N PRO D 176 35.22 -9.16 20.63
CA PRO D 176 35.27 -7.78 20.12
C PRO D 176 34.72 -7.64 18.70
N ILE D 177 34.95 -8.64 17.85
CA ILE D 177 34.51 -8.61 16.46
C ILE D 177 32.99 -8.54 16.32
N TYR D 178 32.30 -9.40 17.07
CA TYR D 178 30.85 -9.45 17.07
C TYR D 178 30.22 -8.19 17.69
N ASP D 179 30.76 -7.74 18.81
CA ASP D 179 30.22 -6.57 19.49
C ASP D 179 30.35 -5.31 18.64
N ASP D 180 31.43 -5.21 17.88
CA ASP D 180 31.62 -4.07 16.99
C ASP D 180 30.64 -4.16 15.83
N PHE D 181 30.30 -5.38 15.46
CA PHE D 181 29.34 -5.61 14.38
C PHE D 181 27.96 -5.13 14.82
N ILE D 182 27.51 -5.61 15.98
CA ILE D 182 26.21 -5.23 16.53
C ILE D 182 26.20 -3.74 16.88
N LYS D 183 27.35 -3.22 17.30
CA LYS D 183 27.48 -1.80 17.59
C LYS D 183 27.27 -0.97 16.34
N ASN D 184 27.86 -1.41 15.23
CA ASN D 184 27.74 -0.70 13.97
C ASN D 184 26.32 -0.67 13.43
N LEU D 185 25.60 -1.77 13.63
CA LEU D 185 24.20 -1.85 13.17
C LEU D 185 23.28 -0.96 14.00
N THR D 186 23.59 -0.82 15.29
CA THR D 186 22.77 -0.04 16.20
C THR D 186 22.90 1.47 15.93
N ASP D 187 24.11 1.90 15.60
CA ASP D 187 24.35 3.31 15.29
C ASP D 187 23.73 3.64 13.94
N LEU D 188 23.63 2.61 13.10
CA LEU D 188 23.02 2.74 11.78
C LEU D 188 21.53 2.95 11.91
N ILE D 189 20.92 2.23 12.85
CA ILE D 189 19.51 2.39 13.18
C ILE D 189 19.26 3.81 13.71
N ASN D 190 20.23 4.32 14.45
CA ASN D 190 20.15 5.67 15.00
C ASN D 190 20.27 6.74 13.93
N ASP D 191 21.18 6.54 12.99
CA ASP D 191 21.36 7.47 11.88
C ASP D 191 20.11 7.52 11.02
N LEU D 192 19.49 6.36 10.84
CA LEU D 192 18.27 6.26 10.04
C LEU D 192 17.13 7.03 10.71
N GLN D 193 16.98 6.85 12.00
CA GLN D 193 15.91 7.49 12.76
C GLN D 193 16.09 9.00 12.82
N ILE D 194 17.35 9.44 12.79
CA ILE D 194 17.67 10.87 12.79
C ILE D 194 17.43 11.48 11.41
N LYS D 195 17.95 10.80 10.39
CA LYS D 195 17.86 11.31 9.02
C LYS D 195 16.41 11.33 8.54
N LEU D 196 15.60 10.39 9.01
CA LEU D 196 14.19 10.37 8.66
C LEU D 196 13.47 11.51 9.36
N LYS D 197 13.92 11.84 10.57
CA LYS D 197 13.34 12.93 11.34
C LYS D 197 13.55 14.27 10.66
N ASN D 198 14.69 14.44 10.01
CA ASN D 198 15.01 15.68 9.32
C ASN D 198 14.18 15.93 8.07
N ILE D 199 13.42 14.92 7.64
CA ILE D 199 12.56 15.08 6.47
C ILE D 199 11.13 14.59 6.75
N SER D 200 10.80 14.43 8.03
CA SER D 200 9.46 14.02 8.43
C SER D 200 8.59 15.25 8.71
#